data_1G9J
#
_entry.id   1G9J
#
_cell.length_a   61.480
_cell.length_b   84.720
_cell.length_c   121.810
_cell.angle_alpha   90.00
_cell.angle_beta   90.00
_cell.angle_gamma   90.00
#
_symmetry.space_group_name_H-M   'P 21 21 21'
#
loop_
_entity.id
_entity.type
_entity.pdbx_description
1 polymer 'CELLULASE CEL48F'
2 branched beta-D-glucopyranose-(1-4)-4-thio-beta-D-glucopyranose-(1-4)-beta-D-glucopyranose-(1-4)-4-thio-beta-D-glucopyranose-(1-4)-beta-D-glucopyranose-(1-4)-4-thio-beta-D-glucopyranose-(1-4)-beta-D-glucopyranose-(1-4)-4-thio-beta-D-glucopyranose
3 non-polymer 'CALCIUM ION'
4 non-polymer 'CHLORIDE ION'
5 water water
#
_entity_poly.entity_id   1
_entity_poly.type   'polypeptide(L)'
_entity_poly.pdbx_seq_one_letter_code
;ASSPANKVYQDRFESMYSKIKDPANGYFSEQGIPYHSIETLMVQAPDYGHVTTSEAMSYYMWLEAMHGRFSGDFTGFDKS
WSVTEQYLIPTEKDQPNTSMSRYDANKPATYAPEFQDPSKYPSPLDTSQPVGRDPINSQLTSAYGTSMLYGMHWILDVDN
WYGFGARADGTSKPSYINTFQRGEQESTWETIPQPCWDEHKFGGQYGFLDLFTKDTGTPAKQFKYTNAPDADARAVQATY
WADQWAKEQGKSVSTSVGKATKMGDYLRYSFFDKYFRKIGQPSQAGTGYDAAHYLLSWYYAWGGGIDSTWSWIIGSSHNH
FGYQNPFAAWVLSTDANFKPKSSNGASDWAKSLDRQLEFYQWLQSAEGAIAGGATNSWNGRYEAVPSGTSTFYGMGYVEN
PVYADPGSNTWFGMQVWSMQRVAELYYKTGDARAKKLLDKWAKWINGEIKFNADGTFQIPSTIDWEGQPDTWNPTQGYTG
NANLHVKVVNYGTDLGCASSLANTLTYYAAKSGDETSRQNAQKLLDAMWNNYSDSKGISTVEQRGDYHRFLDQEVFVPAG
WTGKMPNGDVIKSGVKFIDIRSKYKQDPEWQTMVAALQAGQVPTQRLHRFWAQSEFAVANGVYAILFPD
;
_entity_poly.pdbx_strand_id   A
#
# COMPACT_ATOMS: atom_id res chain seq x y z
N ALA A 1 24.08 -24.32 -5.51
CA ALA A 1 24.66 -23.03 -5.07
C ALA A 1 24.17 -21.89 -5.94
N SER A 2 24.10 -20.69 -5.39
CA SER A 2 23.63 -19.52 -6.14
C SER A 2 24.74 -18.94 -7.00
N SER A 3 24.35 -18.32 -8.11
CA SER A 3 25.31 -17.72 -9.04
C SER A 3 26.11 -16.60 -8.37
N PRO A 4 27.39 -16.44 -8.78
CA PRO A 4 28.27 -15.40 -8.21
C PRO A 4 27.65 -14.00 -8.37
N ALA A 5 27.83 -13.17 -7.36
CA ALA A 5 27.30 -11.81 -7.41
C ALA A 5 28.41 -10.77 -7.37
N ASN A 6 28.11 -9.56 -7.85
CA ASN A 6 29.08 -8.46 -7.88
C ASN A 6 29.48 -8.13 -6.45
N LYS A 7 30.75 -8.33 -6.13
CA LYS A 7 31.30 -8.09 -4.79
C LYS A 7 31.03 -6.69 -4.21
N VAL A 8 31.24 -5.67 -5.03
CA VAL A 8 31.04 -4.29 -4.59
C VAL A 8 29.62 -4.01 -4.10
N TYR A 9 28.64 -4.37 -4.92
CA TYR A 9 27.25 -4.11 -4.58
C TYR A 9 26.69 -5.07 -3.53
N GLN A 10 27.33 -6.23 -3.38
CA GLN A 10 26.90 -7.17 -2.36
C GLN A 10 27.31 -6.58 -1.02
N ASP A 11 28.53 -6.04 -0.97
CA ASP A 11 29.04 -5.42 0.27
C ASP A 11 28.17 -4.25 0.67
N ARG A 12 27.69 -3.49 -0.33
CA ARG A 12 26.84 -2.33 -0.05
C ARG A 12 25.51 -2.80 0.54
N PHE A 13 25.00 -3.92 0.06
CA PHE A 13 23.75 -4.44 0.61
C PHE A 13 23.99 -4.88 2.05
N GLU A 14 25.08 -5.60 2.29
CA GLU A 14 25.40 -6.08 3.63
C GLU A 14 25.60 -4.93 4.61
N SER A 15 26.21 -3.86 4.15
CA SER A 15 26.44 -2.68 4.99
C SER A 15 25.09 -2.06 5.38
N MET A 16 24.20 -1.91 4.41
CA MET A 16 22.88 -1.35 4.67
C MET A 16 22.09 -2.27 5.60
N TYR A 17 22.16 -3.57 5.35
CA TYR A 17 21.45 -4.53 6.20
C TYR A 17 21.90 -4.38 7.66
N SER A 18 23.20 -4.23 7.87
CA SER A 18 23.73 -4.08 9.23
C SER A 18 23.23 -2.81 9.89
N LYS A 19 23.19 -1.72 9.13
CA LYS A 19 22.73 -0.45 9.67
C LYS A 19 21.24 -0.53 10.01
N ILE A 20 20.46 -1.19 9.15
CA ILE A 20 19.03 -1.34 9.38
C ILE A 20 18.72 -2.23 10.58
N LYS A 21 19.50 -3.29 10.77
CA LYS A 21 19.28 -4.21 11.90
C LYS A 21 20.00 -3.78 13.18
N ASP A 22 20.88 -2.79 13.07
CA ASP A 22 21.62 -2.30 14.23
C ASP A 22 20.69 -1.76 15.32
N PRO A 23 20.69 -2.40 16.50
CA PRO A 23 19.85 -1.99 17.63
C PRO A 23 20.01 -0.52 18.01
N ALA A 24 21.23 -0.01 17.87
CA ALA A 24 21.52 1.38 18.21
C ALA A 24 20.91 2.38 17.23
N ASN A 25 20.45 1.90 16.07
CA ASN A 25 19.87 2.81 15.08
C ASN A 25 18.36 3.02 15.29
N GLY A 26 17.72 2.11 15.99
CA GLY A 26 16.30 2.25 16.30
C GLY A 26 15.24 2.07 15.23
N TYR A 27 15.49 1.22 14.24
CA TYR A 27 14.51 0.98 13.19
C TYR A 27 13.38 0.07 13.66
N PHE A 28 13.64 -0.74 14.68
CA PHE A 28 12.63 -1.67 15.20
C PHE A 28 12.24 -1.42 16.65
N SER A 29 11.01 -1.81 17.00
CA SER A 29 10.53 -1.65 18.37
C SER A 29 11.09 -2.82 19.17
N GLU A 30 10.84 -2.83 20.47
CA GLU A 30 11.33 -3.91 21.34
C GLU A 30 10.72 -5.26 20.95
N GLN A 31 9.54 -5.23 20.34
CA GLN A 31 8.87 -6.45 19.93
C GLN A 31 9.30 -6.95 18.55
N GLY A 32 10.27 -6.26 17.94
CA GLY A 32 10.76 -6.66 16.63
C GLY A 32 10.00 -6.12 15.43
N ILE A 33 9.12 -5.16 15.67
CA ILE A 33 8.34 -4.58 14.58
C ILE A 33 9.03 -3.32 14.05
N PRO A 34 9.23 -3.24 12.73
CA PRO A 34 9.89 -2.07 12.16
C PRO A 34 8.96 -0.87 12.16
N TYR A 35 9.48 0.29 12.53
CA TYR A 35 8.70 1.53 12.55
C TYR A 35 8.65 2.08 11.13
N HIS A 36 7.73 3.01 10.86
CA HIS A 36 7.64 3.63 9.55
C HIS A 36 8.94 4.39 9.29
N SER A 37 9.44 5.05 10.33
CA SER A 37 10.68 5.82 10.23
C SER A 37 11.32 5.93 11.60
N ILE A 38 12.63 6.13 11.64
CA ILE A 38 13.34 6.28 12.91
C ILE A 38 12.74 7.49 13.63
N GLU A 39 12.62 8.60 12.90
CA GLU A 39 12.09 9.85 13.44
C GLU A 39 10.60 9.73 13.77
N THR A 40 10.20 10.31 14.89
CA THR A 40 8.80 10.25 15.32
C THR A 40 7.91 11.34 14.73
N LEU A 41 8.46 12.54 14.53
CA LEU A 41 7.68 13.65 13.96
C LEU A 41 7.66 13.37 12.47
N MET A 42 6.62 12.68 12.02
CA MET A 42 6.53 12.31 10.63
C MET A 42 5.07 12.18 10.21
N VAL A 43 4.69 12.96 9.20
CA VAL A 43 3.33 12.91 8.69
C VAL A 43 3.41 12.77 7.16
N GLN A 44 2.91 11.64 6.66
N GLN A 44 2.88 11.65 6.66
CA GLN A 44 2.91 11.33 5.23
CA GLN A 44 2.85 11.38 5.22
C GLN A 44 1.63 10.56 4.99
C GLN A 44 1.59 10.56 4.98
N ALA A 45 1.72 9.23 4.95
CA ALA A 45 0.55 8.37 4.78
C ALA A 45 0.10 8.19 6.24
N PRO A 46 1.03 7.82 7.14
CA PRO A 46 0.65 7.65 8.55
C PRO A 46 0.84 9.04 9.18
N ASP A 47 0.31 9.30 10.36
CA ASP A 47 0.49 10.63 10.95
C ASP A 47 1.42 10.65 12.16
N TYR A 48 2.19 9.59 12.32
CA TYR A 48 3.15 9.47 13.42
C TYR A 48 4.26 8.53 12.94
N GLY A 49 5.50 8.92 13.18
CA GLY A 49 6.63 8.12 12.75
C GLY A 49 6.72 6.71 13.29
N HIS A 50 6.24 6.48 14.50
CA HIS A 50 6.33 5.14 15.07
C HIS A 50 5.12 4.23 14.99
N VAL A 51 4.25 4.49 14.02
CA VAL A 51 3.15 3.57 13.80
C VAL A 51 3.90 2.74 12.75
N THR A 52 3.30 1.66 12.27
CA THR A 52 3.95 0.88 11.22
C THR A 52 2.84 0.54 10.25
N THR A 53 3.22 0.08 9.06
CA THR A 53 2.23 -0.27 8.04
C THR A 53 2.54 -1.63 7.45
N SER A 54 1.55 -2.22 6.78
CA SER A 54 1.76 -3.52 6.16
C SER A 54 2.80 -3.34 5.05
N GLU A 55 2.89 -2.13 4.50
CA GLU A 55 3.88 -1.85 3.46
C GLU A 55 5.26 -2.12 4.06
N ALA A 56 5.50 -1.58 5.25
CA ALA A 56 6.78 -1.77 5.93
C ALA A 56 7.09 -3.23 6.19
N MET A 57 6.09 -3.99 6.62
CA MET A 57 6.30 -5.41 6.91
C MET A 57 6.73 -6.17 5.65
N SER A 58 6.12 -5.84 4.51
CA SER A 58 6.45 -6.52 3.27
C SER A 58 7.85 -6.13 2.78
N TYR A 59 8.29 -4.92 3.10
CA TYR A 59 9.64 -4.50 2.72
C TYR A 59 10.65 -5.21 3.62
N TYR A 60 10.24 -5.46 4.86
CA TYR A 60 11.07 -6.15 5.84
C TYR A 60 11.30 -7.58 5.31
N MET A 61 10.24 -8.18 4.76
CA MET A 61 10.34 -9.53 4.19
C MET A 61 11.32 -9.55 3.04
N TRP A 62 11.18 -8.58 2.14
CA TRP A 62 12.05 -8.45 0.97
C TRP A 62 13.50 -8.32 1.40
N LEU A 63 13.75 -7.50 2.40
CA LEU A 63 15.10 -7.28 2.92
C LEU A 63 15.70 -8.58 3.46
N GLU A 64 14.97 -9.26 4.34
CA GLU A 64 15.46 -10.50 4.93
C GLU A 64 15.68 -11.59 3.87
N ALA A 65 14.84 -11.60 2.84
CA ALA A 65 14.96 -12.58 1.77
C ALA A 65 16.31 -12.41 1.07
N MET A 66 16.64 -11.15 0.76
N MET A 66 16.65 -11.15 0.75
CA MET A 66 17.90 -10.82 0.09
CA MET A 66 17.90 -10.86 0.09
C MET A 66 19.09 -11.16 0.99
C MET A 66 19.08 -11.18 0.99
N HIS A 67 18.90 -10.98 2.29
CA HIS A 67 19.97 -11.27 3.26
C HIS A 67 20.22 -12.77 3.20
N GLY A 68 19.16 -13.55 3.08
CA GLY A 68 19.28 -15.00 2.99
C GLY A 68 20.06 -15.39 1.74
N ARG A 69 19.82 -14.67 0.65
CA ARG A 69 20.51 -14.92 -0.61
C ARG A 69 22.02 -14.80 -0.48
N PHE A 70 22.47 -13.76 0.22
CA PHE A 70 23.91 -13.53 0.38
C PHE A 70 24.54 -14.19 1.60
N SER A 71 23.75 -14.51 2.62
CA SER A 71 24.30 -15.11 3.83
C SER A 71 24.04 -16.60 3.98
N GLY A 72 22.99 -17.08 3.31
CA GLY A 72 22.65 -18.49 3.43
C GLY A 72 21.81 -18.72 4.66
N ASP A 73 21.54 -17.64 5.40
CA ASP A 73 20.75 -17.70 6.62
C ASP A 73 19.37 -17.08 6.37
N PHE A 74 18.34 -17.91 6.46
CA PHE A 74 16.97 -17.45 6.24
C PHE A 74 16.12 -17.37 7.49
N THR A 75 16.75 -17.51 8.66
CA THR A 75 16.01 -17.45 9.92
C THR A 75 15.38 -16.07 10.09
N GLY A 76 16.03 -15.06 9.53
CA GLY A 76 15.53 -13.70 9.62
C GLY A 76 14.28 -13.54 8.76
N PHE A 77 14.24 -14.22 7.63
CA PHE A 77 13.09 -14.17 6.75
C PHE A 77 11.90 -14.82 7.44
N ASP A 78 12.12 -16.00 8.01
CA ASP A 78 11.03 -16.69 8.70
C ASP A 78 10.55 -15.87 9.89
N LYS A 79 11.45 -15.12 10.51
CA LYS A 79 11.08 -14.29 11.65
C LYS A 79 10.19 -13.12 11.21
N SER A 80 10.45 -12.58 10.02
CA SER A 80 9.64 -11.45 9.55
C SER A 80 8.19 -11.92 9.37
N TRP A 81 8.02 -13.16 8.92
CA TRP A 81 6.67 -13.71 8.76
C TRP A 81 6.02 -13.98 10.11
N SER A 82 6.82 -14.43 11.07
N SER A 82 6.83 -14.43 11.07
CA SER A 82 6.33 -14.72 12.41
CA SER A 82 6.33 -14.72 12.40
C SER A 82 5.81 -13.43 13.07
C SER A 82 5.80 -13.44 13.06
N VAL A 83 6.56 -12.36 12.91
CA VAL A 83 6.16 -11.08 13.48
C VAL A 83 4.89 -10.56 12.80
N THR A 84 4.81 -10.78 11.48
CA THR A 84 3.66 -10.34 10.70
C THR A 84 2.38 -11.04 11.15
N GLU A 85 2.44 -12.36 11.25
CA GLU A 85 1.28 -13.14 11.64
C GLU A 85 0.84 -12.85 13.07
N GLN A 86 1.80 -12.59 13.95
CA GLN A 86 1.47 -12.33 15.34
C GLN A 86 0.89 -10.95 15.58
N TYR A 87 1.41 -9.95 14.86
CA TYR A 87 0.99 -8.56 15.06
C TYR A 87 0.17 -7.78 14.03
N LEU A 88 0.21 -8.17 12.76
N LEU A 88 0.23 -8.18 12.76
CA LEU A 88 -0.54 -7.44 11.75
CA LEU A 88 -0.49 -7.47 11.70
C LEU A 88 -1.72 -8.20 11.14
C LEU A 88 -1.70 -8.21 11.12
N ILE A 89 -1.75 -9.51 11.33
CA ILE A 89 -2.88 -10.30 10.82
C ILE A 89 -3.72 -10.59 12.07
N PRO A 90 -4.93 -10.00 12.13
CA PRO A 90 -5.81 -10.19 13.30
C PRO A 90 -5.97 -11.65 13.68
N THR A 91 -5.69 -11.95 14.95
CA THR A 91 -5.79 -13.31 15.46
C THR A 91 -7.25 -13.67 15.75
N GLU A 92 -7.45 -14.88 16.27
CA GLU A 92 -8.78 -15.38 16.62
C GLU A 92 -9.44 -14.41 17.59
N LYS A 93 -8.65 -13.85 18.50
CA LYS A 93 -9.16 -12.91 19.50
C LYS A 93 -9.52 -11.54 18.92
N ASP A 94 -8.91 -11.19 17.79
CA ASP A 94 -9.15 -9.89 17.16
C ASP A 94 -10.29 -9.88 16.15
N GLN A 95 -10.63 -11.05 15.61
CA GLN A 95 -11.73 -11.20 14.68
C GLN A 95 -12.43 -12.50 15.08
N PRO A 96 -13.10 -12.50 16.24
CA PRO A 96 -13.83 -13.66 16.79
C PRO A 96 -14.67 -14.45 15.80
N ASN A 97 -14.44 -15.77 15.81
CA ASN A 97 -15.15 -16.69 14.95
C ASN A 97 -16.65 -16.61 15.16
N THR A 98 -17.06 -16.39 16.40
CA THR A 98 -18.47 -16.30 16.73
C THR A 98 -19.18 -15.32 15.79
N SER A 99 -18.48 -14.23 15.44
CA SER A 99 -19.06 -13.25 14.55
C SER A 99 -18.74 -13.54 13.09
N MET A 100 -17.49 -13.89 12.81
CA MET A 100 -17.08 -14.19 11.44
C MET A 100 -17.86 -15.35 10.84
N SER A 101 -18.21 -16.34 11.66
CA SER A 101 -18.96 -17.51 11.18
C SER A 101 -20.41 -17.16 10.84
N ARG A 102 -20.87 -15.97 11.22
CA ARG A 102 -22.24 -15.56 10.93
C ARG A 102 -22.31 -14.75 9.64
N TYR A 103 -21.18 -14.67 8.93
CA TYR A 103 -21.11 -13.94 7.67
C TYR A 103 -22.10 -14.54 6.66
N ASP A 104 -22.80 -13.68 5.93
CA ASP A 104 -23.76 -14.12 4.92
C ASP A 104 -23.29 -13.72 3.53
N ALA A 105 -22.77 -14.69 2.79
CA ALA A 105 -22.26 -14.46 1.44
C ALA A 105 -23.30 -13.88 0.49
N ASN A 106 -24.57 -13.99 0.83
CA ASN A 106 -25.63 -13.46 -0.03
C ASN A 106 -25.96 -12.01 0.29
N LYS A 107 -25.41 -11.52 1.39
CA LYS A 107 -25.62 -10.13 1.83
C LYS A 107 -24.34 -9.76 2.57
N PRO A 108 -23.22 -9.61 1.83
CA PRO A 108 -21.89 -9.26 2.34
C PRO A 108 -21.81 -8.07 3.28
N ALA A 109 -22.55 -7.01 2.95
CA ALA A 109 -22.54 -5.80 3.75
C ALA A 109 -23.74 -4.92 3.39
N THR A 110 -23.85 -3.78 4.05
CA THR A 110 -24.94 -2.85 3.79
C THR A 110 -24.39 -1.61 3.10
N TYR A 111 -24.99 -1.25 1.98
CA TYR A 111 -24.56 -0.09 1.22
C TYR A 111 -24.47 1.20 2.03
N ALA A 112 -23.39 1.95 1.76
CA ALA A 112 -23.17 3.24 2.40
C ALA A 112 -22.55 4.12 1.32
N PRO A 113 -23.12 5.31 1.09
CA PRO A 113 -22.54 6.18 0.06
C PRO A 113 -21.24 6.84 0.51
N GLU A 114 -20.45 7.27 -0.48
CA GLU A 114 -19.19 7.97 -0.25
C GLU A 114 -19.44 9.42 -0.64
N PHE A 115 -18.76 10.36 0.03
CA PHE A 115 -18.94 11.76 -0.26
C PHE A 115 -17.62 12.45 -0.58
N GLN A 116 -17.69 13.54 -1.33
CA GLN A 116 -16.51 14.28 -1.75
C GLN A 116 -15.99 15.31 -0.74
N ASP A 117 -16.56 15.32 0.46
CA ASP A 117 -16.10 16.23 1.50
C ASP A 117 -16.40 15.58 2.85
N PRO A 118 -15.43 15.62 3.77
CA PRO A 118 -15.60 15.02 5.10
C PRO A 118 -16.79 15.56 5.91
N SER A 119 -17.23 16.78 5.59
CA SER A 119 -18.34 17.38 6.33
C SER A 119 -19.69 16.68 6.10
N LYS A 120 -19.73 15.79 5.11
CA LYS A 120 -20.95 15.05 4.79
C LYS A 120 -21.09 13.78 5.63
N TYR A 121 -20.07 13.45 6.41
CA TYR A 121 -20.12 12.25 7.24
C TYR A 121 -20.63 12.56 8.64
N PRO A 122 -21.20 11.57 9.34
CA PRO A 122 -21.42 10.17 8.95
C PRO A 122 -22.33 9.88 7.75
N SER A 123 -21.99 8.82 7.03
CA SER A 123 -22.73 8.37 5.86
C SER A 123 -23.84 7.42 6.33
N PRO A 124 -25.06 7.61 5.82
CA PRO A 124 -26.19 6.77 6.21
C PRO A 124 -26.26 5.41 5.51
N LEU A 125 -26.40 4.35 6.29
CA LEU A 125 -26.50 2.99 5.74
C LEU A 125 -27.89 2.88 5.11
N ASP A 126 -27.98 2.21 3.98
CA ASP A 126 -29.26 2.05 3.30
C ASP A 126 -29.47 0.59 2.93
N THR A 127 -30.27 -0.12 3.72
CA THR A 127 -30.54 -1.53 3.47
C THR A 127 -31.30 -1.81 2.17
N SER A 128 -31.90 -0.79 1.57
CA SER A 128 -32.66 -0.99 0.33
C SER A 128 -31.82 -1.01 -0.95
N GLN A 129 -30.60 -0.49 -0.87
CA GLN A 129 -29.73 -0.48 -2.04
C GLN A 129 -29.17 -1.88 -2.26
N PRO A 130 -29.15 -2.35 -3.52
CA PRO A 130 -28.64 -3.69 -3.82
C PRO A 130 -27.17 -3.96 -3.52
N VAL A 131 -26.90 -5.19 -3.09
CA VAL A 131 -25.55 -5.65 -2.80
C VAL A 131 -25.47 -7.05 -3.42
N GLY A 132 -24.38 -7.32 -4.12
CA GLY A 132 -24.22 -8.61 -4.77
C GLY A 132 -23.82 -9.77 -3.89
N ARG A 133 -23.59 -10.91 -4.53
CA ARG A 133 -23.19 -12.12 -3.82
C ARG A 133 -21.68 -12.35 -3.86
N ASP A 134 -21.14 -12.79 -2.74
CA ASP A 134 -19.72 -13.09 -2.59
C ASP A 134 -19.52 -14.54 -3.02
N PRO A 135 -18.81 -14.76 -4.15
CA PRO A 135 -18.60 -16.12 -4.64
C PRO A 135 -17.37 -16.88 -4.12
N ILE A 136 -16.46 -16.19 -3.43
CA ILE A 136 -15.26 -16.88 -2.95
C ILE A 136 -15.24 -17.29 -1.48
N ASN A 137 -16.12 -16.73 -0.67
CA ASN A 137 -16.11 -17.08 0.75
C ASN A 137 -16.21 -18.58 0.99
N SER A 138 -17.11 -19.25 0.28
CA SER A 138 -17.27 -20.69 0.45
C SER A 138 -15.99 -21.45 0.08
N GLN A 139 -15.26 -20.92 -0.89
CA GLN A 139 -14.00 -21.54 -1.34
C GLN A 139 -12.96 -21.48 -0.23
N LEU A 140 -12.89 -20.34 0.45
CA LEU A 140 -11.94 -20.10 1.52
C LEU A 140 -12.24 -20.87 2.81
N THR A 141 -13.48 -20.84 3.27
CA THR A 141 -13.85 -21.54 4.49
C THR A 141 -13.65 -23.03 4.33
N SER A 142 -13.98 -23.55 3.15
CA SER A 142 -13.81 -24.97 2.88
C SER A 142 -12.33 -25.35 2.81
N ALA A 143 -11.53 -24.51 2.17
CA ALA A 143 -10.12 -24.76 2.03
C ALA A 143 -9.32 -24.64 3.33
N TYR A 144 -9.65 -23.64 4.13
CA TYR A 144 -8.91 -23.40 5.37
C TYR A 144 -9.61 -23.76 6.68
N GLY A 145 -10.88 -24.12 6.59
CA GLY A 145 -11.63 -24.51 7.77
C GLY A 145 -11.86 -23.44 8.82
N THR A 146 -11.98 -22.19 8.38
CA THR A 146 -12.22 -21.08 9.31
C THR A 146 -12.88 -19.94 8.56
N SER A 147 -13.59 -19.08 9.31
CA SER A 147 -14.26 -17.92 8.71
C SER A 147 -13.41 -16.66 8.84
N MET A 148 -12.30 -16.76 9.56
CA MET A 148 -11.40 -15.61 9.74
C MET A 148 -10.68 -15.32 8.43
N LEU A 149 -10.33 -14.06 8.20
CA LEU A 149 -9.60 -13.69 6.99
C LEU A 149 -8.11 -13.62 7.27
N TYR A 150 -7.30 -14.08 6.32
CA TYR A 150 -5.85 -14.07 6.51
C TYR A 150 -5.22 -13.01 5.62
N GLY A 151 -5.19 -11.78 6.13
CA GLY A 151 -4.59 -10.67 5.40
C GLY A 151 -4.11 -9.67 6.44
N MET A 152 -3.16 -8.83 6.06
CA MET A 152 -2.64 -7.84 6.99
C MET A 152 -3.52 -6.59 7.09
N HIS A 153 -3.74 -6.12 8.32
CA HIS A 153 -4.47 -4.88 8.52
C HIS A 153 -3.36 -3.89 8.13
N TRP A 154 -3.71 -2.76 7.54
CA TRP A 154 -2.67 -1.86 7.03
C TRP A 154 -1.87 -0.94 7.95
N ILE A 155 -2.37 -0.62 9.12
CA ILE A 155 -1.63 0.28 9.99
C ILE A 155 -1.70 -0.16 11.46
N LEU A 156 -0.58 0.00 12.16
CA LEU A 156 -0.49 -0.44 13.55
C LEU A 156 0.22 0.58 14.46
N ASP A 157 -0.39 0.88 15.59
CA ASP A 157 0.20 1.81 16.57
C ASP A 157 1.14 0.94 17.41
N VAL A 158 2.36 0.78 16.92
CA VAL A 158 3.37 -0.09 17.54
C VAL A 158 3.60 0.07 19.03
N ASP A 159 3.84 1.28 19.50
CA ASP A 159 4.08 1.45 20.93
C ASP A 159 2.91 2.06 21.68
N ASN A 160 1.71 1.93 21.11
CA ASN A 160 0.50 2.44 21.74
C ASN A 160 0.59 3.92 22.09
N TRP A 161 1.03 4.71 21.11
CA TRP A 161 1.17 6.16 21.28
C TRP A 161 -0.17 6.85 21.47
N TYR A 162 -1.20 6.38 20.78
CA TYR A 162 -2.54 6.96 20.90
C TYR A 162 -3.25 6.55 22.18
N GLY A 163 -2.84 5.42 22.75
CA GLY A 163 -3.44 4.97 24.00
C GLY A 163 -4.67 4.08 23.96
N PHE A 164 -5.02 3.55 22.78
CA PHE A 164 -6.18 2.67 22.69
C PHE A 164 -5.88 1.28 23.23
N GLY A 165 -4.60 0.92 23.25
CA GLY A 165 -4.21 -0.38 23.74
C GLY A 165 -4.70 -1.51 22.85
N ALA A 166 -4.78 -2.71 23.40
CA ALA A 166 -5.23 -3.86 22.63
C ALA A 166 -6.63 -4.26 23.06
N ARG A 167 -7.53 -4.34 22.10
CA ARG A 167 -8.92 -4.70 22.37
C ARG A 167 -9.47 -3.89 23.53
N ALA A 168 -9.25 -2.57 23.43
CA ALA A 168 -9.71 -1.58 24.40
C ALA A 168 -9.13 -1.60 25.81
N ASP A 169 -8.00 -2.25 26.05
CA ASP A 169 -7.46 -2.24 27.41
C ASP A 169 -6.63 -0.99 27.69
N GLY A 170 -6.37 -0.21 26.63
CA GLY A 170 -5.63 1.03 26.75
C GLY A 170 -4.19 0.99 27.22
N THR A 171 -3.64 -0.20 27.47
CA THR A 171 -2.27 -0.29 27.95
C THR A 171 -1.32 -1.19 27.16
N SER A 172 -1.87 -2.17 26.45
CA SER A 172 -1.06 -3.10 25.68
C SER A 172 -0.58 -2.53 24.35
N LYS A 173 0.51 -3.12 23.85
CA LYS A 173 1.08 -2.75 22.57
C LYS A 173 1.40 -4.05 21.86
N PRO A 174 1.32 -4.08 20.51
CA PRO A 174 0.94 -2.98 19.63
C PRO A 174 -0.57 -2.79 19.63
N SER A 175 -1.02 -1.67 19.08
CA SER A 175 -2.45 -1.35 19.06
C SER A 175 -3.01 -1.19 17.65
N TYR A 176 -4.02 -1.98 17.32
CA TYR A 176 -4.68 -1.90 16.01
C TYR A 176 -5.51 -0.63 15.95
N ILE A 177 -5.19 0.25 15.00
CA ILE A 177 -5.92 1.49 14.81
C ILE A 177 -6.18 1.71 13.32
N ASN A 178 -6.98 2.71 13.00
CA ASN A 178 -7.22 3.07 11.62
C ASN A 178 -7.42 4.58 11.60
N THR A 179 -7.34 5.19 10.42
CA THR A 179 -7.50 6.63 10.33
C THR A 179 -8.51 7.04 9.26
N PHE A 180 -8.12 6.92 8.00
CA PHE A 180 -8.98 7.31 6.88
C PHE A 180 -10.34 6.62 6.89
N GLN A 181 -11.39 7.42 6.72
CA GLN A 181 -12.76 6.92 6.71
C GLN A 181 -13.73 7.81 5.93
N ARG A 182 -13.38 9.07 5.76
CA ARG A 182 -14.30 10.02 5.14
C ARG A 182 -14.11 10.58 3.72
N GLY A 183 -13.92 9.70 2.74
CA GLY A 183 -13.81 10.15 1.36
C GLY A 183 -12.51 10.71 0.81
N GLU A 184 -12.53 10.93 -0.51
CA GLU A 184 -11.37 11.41 -1.26
C GLU A 184 -10.73 12.71 -0.80
N GLN A 185 -11.45 13.51 -0.03
CA GLN A 185 -10.88 14.77 0.43
C GLN A 185 -10.32 14.71 1.85
N GLU A 186 -10.45 13.57 2.50
CA GLU A 186 -9.91 13.47 3.86
C GLU A 186 -8.45 13.06 3.76
N SER A 187 -7.56 14.04 3.86
CA SER A 187 -6.13 13.78 3.81
C SER A 187 -5.66 13.25 5.16
N THR A 188 -4.37 12.97 5.26
CA THR A 188 -3.77 12.49 6.49
C THR A 188 -3.99 13.50 7.61
N TRP A 189 -4.09 14.78 7.23
CA TRP A 189 -4.27 15.85 8.22
C TRP A 189 -5.70 16.06 8.72
N GLU A 190 -6.67 15.41 8.08
CA GLU A 190 -8.08 15.60 8.43
C GLU A 190 -8.81 14.42 9.06
N THR A 191 -8.07 13.43 9.52
CA THR A 191 -8.66 12.24 10.11
C THR A 191 -8.83 12.32 11.63
N ILE A 192 -9.56 11.36 12.17
CA ILE A 192 -9.75 11.24 13.60
C ILE A 192 -9.36 9.80 13.89
N PRO A 193 -8.11 9.58 14.33
CA PRO A 193 -7.62 8.24 14.65
C PRO A 193 -8.61 7.50 15.53
N GLN A 194 -8.90 6.25 15.18
CA GLN A 194 -9.84 5.45 15.93
C GLN A 194 -9.33 4.01 16.11
N PRO A 195 -9.84 3.31 17.13
CA PRO A 195 -9.40 1.92 17.35
C PRO A 195 -10.15 0.96 16.46
N CYS A 196 -9.48 -0.09 15.99
CA CYS A 196 -10.14 -1.07 15.14
C CYS A 196 -11.19 -1.84 15.98
N TRP A 197 -10.87 -2.03 17.25
CA TRP A 197 -11.74 -2.74 18.19
C TRP A 197 -12.43 -1.67 19.02
N ASP A 198 -13.67 -1.36 18.68
CA ASP A 198 -14.40 -0.31 19.36
C ASP A 198 -15.47 -0.80 20.32
N GLU A 199 -15.19 -0.69 21.62
CA GLU A 199 -16.13 -1.09 22.66
C GLU A 199 -16.77 0.13 23.33
N HIS A 200 -16.68 1.28 22.66
CA HIS A 200 -17.23 2.53 23.16
C HIS A 200 -16.50 3.02 24.41
N LYS A 201 -15.32 2.46 24.69
CA LYS A 201 -14.57 2.85 25.87
C LYS A 201 -13.82 4.17 25.71
N PHE A 202 -13.53 4.54 24.47
CA PHE A 202 -12.83 5.77 24.18
C PHE A 202 -13.61 6.55 23.14
N GLY A 203 -13.39 7.85 23.06
CA GLY A 203 -14.10 8.66 22.10
C GLY A 203 -15.38 9.26 22.64
N GLY A 204 -16.47 9.03 21.91
CA GLY A 204 -17.77 9.56 22.31
C GLY A 204 -18.64 8.53 22.99
N GLN A 205 -19.94 8.84 23.09
CA GLN A 205 -20.90 7.95 23.72
C GLN A 205 -20.89 6.55 23.12
N TYR A 206 -20.68 6.47 21.80
CA TYR A 206 -20.65 5.19 21.11
C TYR A 206 -19.28 5.02 20.43
N GLY A 207 -18.22 5.39 21.16
CA GLY A 207 -16.89 5.29 20.59
C GLY A 207 -16.72 6.29 19.47
N PHE A 208 -16.16 5.85 18.35
CA PHE A 208 -15.94 6.73 17.20
C PHE A 208 -16.84 6.36 16.04
N LEU A 209 -17.63 5.30 16.26
CA LEU A 209 -18.51 4.77 15.23
C LEU A 209 -19.45 5.74 14.52
N ASP A 210 -20.16 6.59 15.27
CA ASP A 210 -21.09 7.50 14.64
C ASP A 210 -20.47 8.75 14.01
N LEU A 211 -19.15 8.75 13.85
CA LEU A 211 -18.48 9.86 13.18
C LEU A 211 -18.43 9.48 11.71
N PHE A 212 -18.52 8.18 11.43
CA PHE A 212 -18.40 7.67 10.07
C PHE A 212 -19.63 7.01 9.46
N THR A 213 -20.35 6.23 10.27
CA THR A 213 -21.54 5.54 9.80
C THR A 213 -22.76 5.95 10.62
N LYS A 214 -23.89 6.07 9.95
CA LYS A 214 -25.13 6.45 10.60
C LYS A 214 -26.21 5.43 10.26
N ASP A 215 -26.83 4.86 11.30
CA ASP A 215 -27.87 3.87 11.09
C ASP A 215 -29.09 4.20 11.95
N THR A 216 -30.19 3.48 11.71
CA THR A 216 -31.42 3.70 12.46
C THR A 216 -31.25 3.40 13.95
N GLY A 217 -30.67 2.25 14.24
CA GLY A 217 -30.50 1.85 15.63
C GLY A 217 -29.29 2.40 16.35
N THR A 218 -29.01 1.81 17.51
CA THR A 218 -27.89 2.20 18.34
C THR A 218 -26.62 1.51 17.85
N PRO A 219 -25.51 2.27 17.73
CA PRO A 219 -24.24 1.71 17.26
C PRO A 219 -23.79 0.56 18.15
N ALA A 220 -23.49 -0.59 17.56
CA ALA A 220 -23.05 -1.73 18.34
C ALA A 220 -21.53 -1.77 18.49
N LYS A 221 -21.04 -2.39 19.56
CA LYS A 221 -19.60 -2.53 19.78
C LYS A 221 -19.16 -3.43 18.62
N GLN A 222 -18.08 -3.06 17.95
CA GLN A 222 -17.64 -3.83 16.79
C GLN A 222 -16.16 -3.65 16.44
N PHE A 223 -15.66 -4.57 15.63
CA PHE A 223 -14.28 -4.52 15.18
C PHE A 223 -14.31 -4.38 13.65
N LYS A 224 -13.24 -3.85 13.08
CA LYS A 224 -13.15 -3.67 11.63
C LYS A 224 -11.70 -3.48 11.25
N TYR A 225 -11.31 -4.07 10.13
CA TYR A 225 -9.94 -3.99 9.63
C TYR A 225 -9.96 -3.63 8.16
N THR A 226 -8.85 -3.06 7.68
CA THR A 226 -8.72 -2.66 6.28
C THR A 226 -7.39 -3.15 5.73
N ASN A 227 -7.45 -3.85 4.60
CA ASN A 227 -6.26 -4.39 3.96
C ASN A 227 -5.68 -3.42 2.93
N ALA A 228 -4.37 -3.52 2.69
CA ALA A 228 -3.68 -2.71 1.68
C ALA A 228 -3.15 -3.78 0.71
N PRO A 229 -3.91 -4.07 -0.36
CA PRO A 229 -3.54 -5.09 -1.36
C PRO A 229 -2.11 -5.05 -1.90
N ASP A 230 -1.57 -3.87 -2.12
CA ASP A 230 -0.21 -3.82 -2.68
C ASP A 230 0.81 -4.39 -1.68
N ALA A 231 0.55 -4.22 -0.39
CA ALA A 231 1.43 -4.74 0.65
C ALA A 231 1.42 -6.28 0.68
N ASP A 232 0.22 -6.85 0.71
CA ASP A 232 0.08 -8.30 0.73
C ASP A 232 0.65 -8.92 -0.56
N ALA A 233 0.47 -8.26 -1.70
CA ALA A 233 1.01 -8.77 -2.95
C ALA A 233 2.54 -8.74 -2.91
N ARG A 234 3.11 -7.72 -2.29
CA ARG A 234 4.57 -7.61 -2.19
C ARG A 234 5.11 -8.72 -1.29
N ALA A 235 4.31 -9.13 -0.30
CA ALA A 235 4.71 -10.20 0.59
C ALA A 235 4.87 -11.48 -0.23
N VAL A 236 3.95 -11.70 -1.18
CA VAL A 236 4.01 -12.88 -2.03
C VAL A 236 5.24 -12.78 -2.93
N GLN A 237 5.44 -11.62 -3.53
CA GLN A 237 6.59 -11.35 -4.40
C GLN A 237 7.90 -11.66 -3.67
N ALA A 238 8.05 -11.12 -2.47
CA ALA A 238 9.26 -11.33 -1.68
C ALA A 238 9.47 -12.77 -1.25
N THR A 239 8.37 -13.46 -0.96
CA THR A 239 8.46 -14.85 -0.51
C THR A 239 8.87 -15.77 -1.66
N TYR A 240 8.44 -15.41 -2.87
CA TYR A 240 8.81 -16.19 -4.06
C TYR A 240 10.33 -16.18 -4.20
N TRP A 241 10.93 -14.99 -4.11
CA TRP A 241 12.37 -14.89 -4.23
C TRP A 241 13.08 -15.60 -3.10
N ALA A 242 12.54 -15.50 -1.88
CA ALA A 242 13.15 -16.17 -0.74
C ALA A 242 13.17 -17.68 -1.01
N ASP A 243 12.09 -18.20 -1.56
CA ASP A 243 11.98 -19.63 -1.87
C ASP A 243 13.00 -20.03 -2.94
N GLN A 244 13.10 -19.22 -4.00
CA GLN A 244 14.06 -19.49 -5.08
C GLN A 244 15.50 -19.49 -4.59
N TRP A 245 15.86 -18.47 -3.82
CA TRP A 245 17.21 -18.35 -3.31
C TRP A 245 17.53 -19.37 -2.22
N ALA A 246 16.51 -19.81 -1.50
CA ALA A 246 16.71 -20.80 -0.46
C ALA A 246 17.05 -22.15 -1.11
N LYS A 247 16.29 -22.50 -2.15
CA LYS A 247 16.50 -23.76 -2.85
C LYS A 247 17.84 -23.84 -3.57
N GLU A 248 18.34 -22.68 -4.03
CA GLU A 248 19.63 -22.67 -4.71
C GLU A 248 20.75 -23.03 -3.75
N GLN A 249 20.44 -23.03 -2.46
CA GLN A 249 21.43 -23.33 -1.44
C GLN A 249 21.07 -24.52 -0.57
N GLY A 250 20.10 -25.31 -1.02
CA GLY A 250 19.69 -26.46 -0.25
C GLY A 250 18.99 -26.11 1.04
N LYS A 251 18.44 -24.91 1.11
CA LYS A 251 17.72 -24.45 2.29
C LYS A 251 16.23 -24.41 1.97
N SER A 252 15.40 -24.26 3.00
CA SER A 252 13.95 -24.24 2.81
C SER A 252 13.23 -23.19 3.66
N VAL A 253 12.18 -22.60 3.09
CA VAL A 253 11.36 -21.61 3.77
C VAL A 253 9.91 -22.05 3.55
N SER A 254 9.71 -23.37 3.59
CA SER A 254 8.41 -23.97 3.37
C SER A 254 7.24 -23.40 4.17
N THR A 255 7.46 -23.23 5.46
N THR A 255 7.41 -23.25 5.47
CA THR A 255 6.44 -22.70 6.37
CA THR A 255 6.32 -22.72 6.28
C THR A 255 5.98 -21.30 5.95
C THR A 255 5.95 -21.30 5.89
N SER A 256 6.92 -20.51 5.46
CA SER A 256 6.64 -19.13 5.04
C SER A 256 5.92 -19.13 3.70
N VAL A 257 6.30 -20.06 2.82
CA VAL A 257 5.66 -20.15 1.52
C VAL A 257 4.17 -20.45 1.74
N GLY A 258 3.87 -21.31 2.71
CA GLY A 258 2.49 -21.66 2.98
C GLY A 258 1.66 -20.47 3.46
N LYS A 259 2.27 -19.58 4.23
CA LYS A 259 1.58 -18.40 4.71
C LYS A 259 1.35 -17.43 3.54
N ALA A 260 2.39 -17.25 2.72
CA ALA A 260 2.29 -16.36 1.58
C ALA A 260 1.18 -16.82 0.62
N THR A 261 1.09 -18.13 0.41
CA THR A 261 0.10 -18.70 -0.48
C THR A 261 -1.32 -18.48 0.07
N LYS A 262 -1.48 -18.65 1.37
CA LYS A 262 -2.78 -18.46 2.00
C LYS A 262 -3.19 -16.99 1.88
N MET A 263 -2.24 -16.10 2.17
CA MET A 263 -2.49 -14.67 2.08
C MET A 263 -2.92 -14.30 0.67
N GLY A 264 -2.27 -14.88 -0.34
CA GLY A 264 -2.63 -14.59 -1.72
C GLY A 264 -4.01 -15.10 -2.10
N ASP A 265 -4.48 -16.13 -1.40
CA ASP A 265 -5.79 -16.69 -1.65
C ASP A 265 -6.84 -15.69 -1.19
N TYR A 266 -6.65 -15.18 0.03
CA TYR A 266 -7.57 -14.19 0.60
C TYR A 266 -7.48 -12.83 -0.10
N LEU A 267 -6.31 -12.53 -0.66
CA LEU A 267 -6.09 -11.26 -1.36
C LEU A 267 -7.07 -11.10 -2.53
N ARG A 268 -7.66 -12.21 -2.97
CA ARG A 268 -8.63 -12.13 -4.08
C ARG A 268 -9.83 -11.26 -3.76
N TYR A 269 -10.06 -10.96 -2.48
CA TYR A 269 -11.20 -10.10 -2.15
C TYR A 269 -11.04 -8.72 -2.76
N SER A 270 -9.81 -8.33 -3.06
CA SER A 270 -9.57 -7.02 -3.66
C SER A 270 -9.99 -7.00 -5.13
N PHE A 271 -10.33 -8.17 -5.69
CA PHE A 271 -10.75 -8.26 -7.09
C PHE A 271 -12.19 -7.84 -7.31
N PHE A 272 -12.95 -7.70 -6.22
CA PHE A 272 -14.36 -7.36 -6.32
C PHE A 272 -14.81 -5.95 -6.04
N ASP A 273 -15.90 -5.59 -6.70
CA ASP A 273 -16.51 -4.28 -6.52
C ASP A 273 -16.89 -4.17 -5.05
N LYS A 274 -16.75 -2.98 -4.48
CA LYS A 274 -17.04 -2.73 -3.06
C LYS A 274 -18.26 -3.47 -2.53
N TYR A 275 -19.41 -3.30 -3.20
CA TYR A 275 -20.63 -3.96 -2.74
C TYR A 275 -21.09 -5.04 -3.70
N PHE A 276 -20.11 -5.63 -4.38
CA PHE A 276 -20.35 -6.70 -5.33
C PHE A 276 -21.38 -6.36 -6.41
N ARG A 277 -21.27 -5.17 -6.98
CA ARG A 277 -22.16 -4.74 -8.06
C ARG A 277 -21.48 -5.23 -9.35
N LYS A 278 -22.27 -5.45 -10.40
CA LYS A 278 -21.69 -5.92 -11.66
C LYS A 278 -20.74 -4.89 -12.26
N ILE A 279 -19.59 -5.36 -12.77
CA ILE A 279 -18.62 -4.46 -13.37
C ILE A 279 -19.17 -3.97 -14.71
N GLY A 280 -19.24 -2.65 -14.88
CA GLY A 280 -19.75 -2.09 -16.13
C GLY A 280 -21.23 -1.81 -16.09
N GLN A 281 -21.91 -2.32 -15.07
CA GLN A 281 -23.35 -2.11 -14.89
C GLN A 281 -23.55 -1.98 -13.38
N PRO A 282 -22.99 -0.91 -12.80
CA PRO A 282 -23.03 -0.58 -11.37
C PRO A 282 -24.38 -0.52 -10.65
N SER A 283 -25.47 -0.35 -11.38
CA SER A 283 -26.78 -0.28 -10.75
C SER A 283 -27.31 -1.68 -10.41
N GLN A 284 -26.72 -2.70 -11.01
CA GLN A 284 -27.16 -4.08 -10.78
C GLN A 284 -26.31 -4.91 -9.81
N ALA A 285 -26.99 -5.66 -8.96
CA ALA A 285 -26.33 -6.52 -8.00
C ALA A 285 -25.68 -7.68 -8.74
N GLY A 286 -24.44 -8.00 -8.38
CA GLY A 286 -23.74 -9.10 -9.02
C GLY A 286 -24.25 -10.46 -8.58
N THR A 287 -24.04 -11.45 -9.42
CA THR A 287 -24.49 -12.82 -9.12
C THR A 287 -23.27 -13.69 -8.79
N GLY A 288 -22.11 -13.06 -8.68
CA GLY A 288 -20.90 -13.79 -8.37
C GLY A 288 -19.67 -13.14 -8.97
N TYR A 289 -19.04 -13.84 -9.91
CA TYR A 289 -17.85 -13.32 -10.57
C TYR A 289 -18.10 -12.20 -11.56
N ASP A 290 -19.36 -11.89 -11.85
CA ASP A 290 -19.64 -10.78 -12.75
C ASP A 290 -19.39 -9.46 -12.02
N ALA A 291 -19.04 -9.56 -10.74
CA ALA A 291 -18.73 -8.39 -9.91
C ALA A 291 -17.23 -8.25 -9.68
N ALA A 292 -16.44 -9.09 -10.36
CA ALA A 292 -14.99 -9.06 -10.23
C ALA A 292 -14.31 -8.34 -11.39
N HIS A 293 -13.52 -7.32 -11.07
CA HIS A 293 -12.77 -6.60 -12.09
C HIS A 293 -11.40 -7.25 -12.27
N TYR A 294 -11.05 -8.11 -11.31
CA TYR A 294 -9.77 -8.83 -11.32
C TYR A 294 -8.52 -7.98 -11.21
N LEU A 295 -8.67 -6.78 -10.65
CA LEU A 295 -7.53 -5.90 -10.45
C LEU A 295 -7.33 -5.80 -8.96
N LEU A 296 -6.16 -5.35 -8.54
CA LEU A 296 -5.89 -5.17 -7.11
C LEU A 296 -6.44 -3.79 -6.78
N SER A 297 -7.66 -3.75 -6.25
CA SER A 297 -8.29 -2.48 -5.92
C SER A 297 -7.61 -1.86 -4.71
N TRP A 298 -8.07 -0.68 -4.30
CA TRP A 298 -7.42 0.02 -3.19
C TRP A 298 -7.50 -0.69 -1.84
N TYR A 299 -8.48 -1.56 -1.68
CA TYR A 299 -8.62 -2.28 -0.41
C TYR A 299 -9.77 -3.25 -0.40
N TYR A 300 -9.79 -4.04 0.67
CA TYR A 300 -10.89 -4.95 0.97
C TYR A 300 -10.91 -4.77 2.48
N ALA A 301 -12.09 -4.87 3.07
CA ALA A 301 -12.19 -4.66 4.50
C ALA A 301 -13.24 -5.58 5.09
N TRP A 302 -13.15 -5.79 6.40
CA TRP A 302 -14.11 -6.66 7.05
C TRP A 302 -14.25 -6.29 8.51
N GLY A 303 -15.36 -6.70 9.11
CA GLY A 303 -15.60 -6.40 10.50
C GLY A 303 -16.75 -7.23 11.04
N GLY A 304 -17.07 -7.05 12.31
CA GLY A 304 -18.16 -7.81 12.89
C GLY A 304 -18.50 -7.34 14.28
N GLY A 305 -19.53 -7.93 14.87
CA GLY A 305 -19.94 -7.53 16.20
C GLY A 305 -19.08 -8.09 17.32
N ILE A 306 -18.96 -7.32 18.40
CA ILE A 306 -18.19 -7.74 19.56
C ILE A 306 -19.15 -8.33 20.60
N ASP A 307 -20.25 -7.63 20.86
CA ASP A 307 -21.23 -8.08 21.83
C ASP A 307 -22.45 -8.74 21.16
N SER A 308 -22.42 -8.82 19.84
CA SER A 308 -23.48 -9.46 19.06
C SER A 308 -22.80 -10.16 17.90
N THR A 309 -23.42 -11.22 17.37
CA THR A 309 -22.82 -12.00 16.29
C THR A 309 -23.28 -11.66 14.87
N TRP A 310 -22.38 -11.05 14.11
CA TRP A 310 -22.65 -10.68 12.73
C TRP A 310 -21.34 -10.20 12.13
N SER A 311 -21.22 -10.22 10.81
CA SER A 311 -20.01 -9.77 10.15
C SER A 311 -20.30 -9.29 8.75
N TRP A 312 -19.34 -8.61 8.15
CA TRP A 312 -19.47 -8.08 6.81
C TRP A 312 -18.10 -8.02 6.14
N ILE A 313 -18.10 -8.00 4.81
CA ILE A 313 -16.87 -7.92 4.03
C ILE A 313 -17.14 -7.07 2.80
N ILE A 314 -16.20 -6.21 2.43
CA ILE A 314 -16.36 -5.40 1.22
C ILE A 314 -15.05 -5.43 0.42
N GLY A 315 -15.19 -5.25 -0.89
CA GLY A 315 -14.03 -5.19 -1.74
C GLY A 315 -13.83 -3.70 -1.98
N SER A 316 -13.44 -3.31 -3.19
CA SER A 316 -13.25 -1.91 -3.52
C SER A 316 -13.53 -1.69 -5.01
N SER A 317 -14.18 -0.58 -5.32
CA SER A 317 -14.54 -0.24 -6.69
C SER A 317 -13.50 0.61 -7.43
N HIS A 318 -12.56 1.19 -6.68
CA HIS A 318 -11.55 2.05 -7.25
C HIS A 318 -10.22 1.34 -7.50
N ASN A 319 -9.69 1.48 -8.70
CA ASN A 319 -8.43 0.84 -9.06
C ASN A 319 -7.36 1.82 -9.51
N HIS A 320 -6.15 1.66 -8.95
CA HIS A 320 -5.02 2.52 -9.26
C HIS A 320 -3.92 1.64 -9.85
N PHE A 321 -3.26 2.09 -10.92
CA PHE A 321 -2.20 1.28 -11.52
C PHE A 321 -1.06 1.03 -10.54
N GLY A 322 -0.85 1.98 -9.63
CA GLY A 322 0.24 1.85 -8.67
C GLY A 322 0.16 0.68 -7.71
N TYR A 323 -1.02 0.12 -7.54
CA TYR A 323 -1.22 -1.02 -6.63
C TYR A 323 -1.13 -2.37 -7.33
N GLN A 324 -1.09 -2.38 -8.65
CA GLN A 324 -1.03 -3.66 -9.37
C GLN A 324 0.29 -4.41 -9.16
N ASN A 325 0.22 -5.73 -9.29
CA ASN A 325 1.41 -6.57 -9.14
C ASN A 325 1.27 -7.81 -10.02
N PRO A 326 1.67 -7.68 -11.30
CA PRO A 326 1.62 -8.78 -12.28
C PRO A 326 2.54 -9.93 -11.89
N PHE A 327 3.61 -9.63 -11.17
CA PHE A 327 4.54 -10.67 -10.77
C PHE A 327 3.88 -11.61 -9.77
N ALA A 328 3.24 -11.03 -8.75
CA ALA A 328 2.56 -11.84 -7.74
C ALA A 328 1.50 -12.71 -8.40
N ALA A 329 0.80 -12.16 -9.38
CA ALA A 329 -0.25 -12.89 -10.08
C ALA A 329 0.34 -14.07 -10.86
N TRP A 330 1.51 -13.85 -11.46
CA TRP A 330 2.19 -14.88 -12.23
C TRP A 330 2.59 -16.01 -11.28
N VAL A 331 3.15 -15.63 -10.11
CA VAL A 331 3.57 -16.61 -9.13
C VAL A 331 2.42 -17.50 -8.65
N LEU A 332 1.34 -16.86 -8.20
CA LEU A 332 0.18 -17.59 -7.68
C LEU A 332 -0.61 -18.39 -8.71
N SER A 333 -0.49 -18.03 -9.98
CA SER A 333 -1.21 -18.75 -11.02
C SER A 333 -0.37 -19.78 -11.76
N THR A 334 0.96 -19.70 -11.66
CA THR A 334 1.78 -20.65 -12.40
C THR A 334 2.74 -21.53 -11.60
N ASP A 335 3.28 -21.00 -10.50
CA ASP A 335 4.21 -21.79 -9.71
C ASP A 335 3.47 -22.80 -8.83
N ALA A 336 3.78 -24.08 -9.02
CA ALA A 336 3.14 -25.15 -8.26
C ALA A 336 3.31 -25.02 -6.75
N ASN A 337 4.44 -24.47 -6.33
CA ASN A 337 4.73 -24.30 -4.91
C ASN A 337 3.88 -23.20 -4.25
N PHE A 338 3.35 -22.29 -5.06
CA PHE A 338 2.53 -21.19 -4.54
C PHE A 338 1.07 -21.28 -4.98
N LYS A 339 0.62 -22.46 -5.38
CA LYS A 339 -0.77 -22.62 -5.80
C LYS A 339 -1.71 -22.61 -4.60
N PRO A 340 -2.66 -21.68 -4.58
CA PRO A 340 -3.63 -21.56 -3.48
C PRO A 340 -4.43 -22.85 -3.29
N LYS A 341 -4.80 -23.15 -2.05
CA LYS A 341 -5.56 -24.36 -1.74
C LYS A 341 -7.03 -24.27 -2.15
N SER A 342 -7.53 -23.05 -2.38
CA SER A 342 -8.93 -22.89 -2.76
C SER A 342 -9.16 -23.44 -4.17
N SER A 343 -10.40 -23.81 -4.47
CA SER A 343 -10.75 -24.36 -5.77
C SER A 343 -10.43 -23.46 -6.95
N ASN A 344 -10.71 -22.17 -6.84
CA ASN A 344 -10.46 -21.24 -7.94
C ASN A 344 -9.31 -20.26 -7.74
N GLY A 345 -8.56 -20.43 -6.66
CA GLY A 345 -7.45 -19.53 -6.38
C GLY A 345 -6.49 -19.26 -7.53
N ALA A 346 -5.86 -20.31 -8.04
CA ALA A 346 -4.90 -20.17 -9.13
C ALA A 346 -5.50 -19.64 -10.43
N SER A 347 -6.70 -20.10 -10.77
CA SER A 347 -7.36 -19.66 -12.00
C SER A 347 -7.80 -18.19 -11.96
N ASP A 348 -8.21 -17.71 -10.79
CA ASP A 348 -8.62 -16.31 -10.67
C ASP A 348 -7.38 -15.42 -10.85
N TRP A 349 -6.27 -15.85 -10.27
CA TRP A 349 -5.03 -15.09 -10.38
C TRP A 349 -4.52 -15.11 -11.82
N ALA A 350 -4.89 -16.16 -12.56
CA ALA A 350 -4.49 -16.26 -13.96
C ALA A 350 -5.23 -15.18 -14.72
N LYS A 351 -6.51 -15.02 -14.42
CA LYS A 351 -7.33 -14.00 -15.08
C LYS A 351 -6.86 -12.61 -14.67
N SER A 352 -6.43 -12.46 -13.42
CA SER A 352 -5.95 -11.16 -12.94
C SER A 352 -4.70 -10.74 -13.68
N LEU A 353 -3.76 -11.67 -13.86
CA LEU A 353 -2.52 -11.36 -14.58
C LEU A 353 -2.83 -10.73 -15.94
N ASP A 354 -3.72 -11.36 -16.70
CA ASP A 354 -4.08 -10.85 -18.02
C ASP A 354 -4.79 -9.51 -17.94
N ARG A 355 -5.73 -9.37 -17.00
CA ARG A 355 -6.48 -8.13 -16.84
C ARG A 355 -5.57 -6.97 -16.40
N GLN A 356 -4.64 -7.26 -15.50
CA GLN A 356 -3.72 -6.24 -15.01
C GLN A 356 -2.85 -5.69 -16.14
N LEU A 357 -2.31 -6.57 -16.99
CA LEU A 357 -1.47 -6.11 -18.09
C LEU A 357 -2.24 -5.28 -19.11
N GLU A 358 -3.53 -5.55 -19.26
CA GLU A 358 -4.35 -4.76 -20.18
C GLU A 358 -4.53 -3.39 -19.54
N PHE A 359 -4.71 -3.38 -18.22
CA PHE A 359 -4.91 -2.15 -17.46
C PHE A 359 -3.72 -1.20 -17.63
N TYR A 360 -2.51 -1.72 -17.46
CA TYR A 360 -1.29 -0.91 -17.60
C TYR A 360 -1.23 -0.30 -19.01
N GLN A 361 -1.46 -1.13 -20.02
CA GLN A 361 -1.39 -0.68 -21.40
C GLN A 361 -2.42 0.40 -21.71
N TRP A 362 -3.65 0.19 -21.26
CA TRP A 362 -4.71 1.16 -21.47
C TRP A 362 -4.35 2.53 -20.88
N LEU A 363 -3.63 2.52 -19.75
CA LEU A 363 -3.25 3.76 -19.06
C LEU A 363 -1.93 4.38 -19.51
N GLN A 364 -1.20 3.74 -20.41
CA GLN A 364 0.08 4.28 -20.85
C GLN A 364 -0.10 5.52 -21.73
N SER A 365 0.43 6.64 -21.26
CA SER A 365 0.33 7.91 -21.98
C SER A 365 1.15 7.95 -23.26
N ALA A 366 0.96 9.02 -24.03
CA ALA A 366 1.69 9.20 -25.27
C ALA A 366 3.20 9.20 -25.00
N GLU A 367 3.62 9.79 -23.89
CA GLU A 367 5.04 9.85 -23.52
C GLU A 367 5.57 8.52 -22.97
N GLY A 368 4.75 7.81 -22.20
CA GLY A 368 5.19 6.54 -21.64
C GLY A 368 4.81 6.31 -20.19
N ALA A 369 4.58 7.39 -19.44
CA ALA A 369 4.19 7.27 -18.03
C ALA A 369 2.80 6.66 -17.96
N ILE A 370 2.48 6.03 -16.83
CA ILE A 370 1.19 5.38 -16.64
C ILE A 370 0.18 6.27 -15.91
N ALA A 371 -1.01 6.43 -16.50
CA ALA A 371 -2.07 7.24 -15.92
C ALA A 371 -2.72 6.56 -14.72
N GLY A 372 -3.57 7.33 -14.02
CA GLY A 372 -4.23 6.88 -12.80
C GLY A 372 -4.90 5.53 -12.69
N GLY A 373 -6.11 5.41 -13.22
CA GLY A 373 -6.82 4.14 -13.15
C GLY A 373 -8.28 4.31 -13.51
N ALA A 374 -9.15 3.51 -12.89
CA ALA A 374 -10.57 3.56 -13.17
C ALA A 374 -11.41 3.12 -11.97
N THR A 375 -12.72 3.36 -12.05
CA THR A 375 -13.61 2.99 -10.97
C THR A 375 -14.93 2.42 -11.49
N ASN A 376 -15.53 1.53 -10.71
CA ASN A 376 -16.82 0.97 -11.09
C ASN A 376 -17.92 1.71 -10.33
N SER A 377 -17.51 2.68 -9.51
CA SER A 377 -18.48 3.46 -8.72
C SER A 377 -18.16 4.96 -8.84
N TRP A 378 -18.80 5.62 -9.81
CA TRP A 378 -18.58 7.04 -10.02
C TRP A 378 -19.00 7.85 -8.81
N ASN A 379 -18.06 8.65 -8.30
CA ASN A 379 -18.29 9.48 -7.13
C ASN A 379 -18.58 8.61 -5.91
N GLY A 380 -18.19 7.33 -6.00
CA GLY A 380 -18.40 6.42 -4.88
C GLY A 380 -19.86 6.19 -4.52
N ARG A 381 -20.76 6.47 -5.45
CA ARG A 381 -22.19 6.28 -5.22
C ARG A 381 -22.84 5.61 -6.42
N TYR A 382 -22.04 4.95 -7.24
CA TYR A 382 -22.52 4.26 -8.42
C TYR A 382 -23.35 5.20 -9.31
N GLU A 383 -22.90 6.44 -9.42
CA GLU A 383 -23.62 7.40 -10.25
C GLU A 383 -23.30 7.17 -11.72
N ALA A 384 -24.00 7.90 -12.57
CA ALA A 384 -23.80 7.78 -14.02
C ALA A 384 -22.45 8.36 -14.42
N VAL A 385 -21.75 7.66 -15.30
CA VAL A 385 -20.45 8.13 -15.78
C VAL A 385 -20.71 9.23 -16.81
N PRO A 386 -20.06 10.39 -16.65
CA PRO A 386 -20.25 11.50 -17.60
C PRO A 386 -20.00 11.04 -19.04
N SER A 387 -20.84 11.50 -19.96
CA SER A 387 -20.69 11.13 -21.36
C SER A 387 -19.33 11.61 -21.85
N GLY A 388 -18.67 10.80 -22.69
CA GLY A 388 -17.38 11.20 -23.20
C GLY A 388 -16.21 10.74 -22.35
N THR A 389 -16.51 10.09 -21.23
CA THR A 389 -15.46 9.59 -20.34
C THR A 389 -15.01 8.22 -20.84
N SER A 390 -13.71 8.07 -21.05
N SER A 390 -13.71 8.07 -21.05
CA SER A 390 -13.17 6.80 -21.53
CA SER A 390 -13.15 6.81 -21.52
C SER A 390 -13.38 5.70 -20.50
C SER A 390 -13.38 5.70 -20.50
N THR A 391 -13.56 4.47 -20.98
CA THR A 391 -13.81 3.33 -20.09
C THR A 391 -12.88 2.15 -20.32
N PHE A 392 -12.84 1.27 -19.32
CA PHE A 392 -12.04 0.04 -19.32
C PHE A 392 -12.99 -1.01 -18.76
N TYR A 393 -13.52 -1.86 -19.63
CA TYR A 393 -14.46 -2.90 -19.22
C TYR A 393 -15.66 -2.28 -18.51
N GLY A 394 -16.08 -1.12 -18.97
CA GLY A 394 -17.23 -0.45 -18.38
C GLY A 394 -16.90 0.48 -17.23
N MET A 395 -15.66 0.46 -16.75
CA MET A 395 -15.26 1.33 -15.65
C MET A 395 -14.71 2.63 -16.19
N GLY A 396 -15.16 3.74 -15.60
CA GLY A 396 -14.72 5.05 -16.05
C GLY A 396 -13.33 5.44 -15.59
N TYR A 397 -12.59 6.07 -16.49
CA TYR A 397 -11.23 6.53 -16.21
C TYR A 397 -11.24 7.64 -15.18
N VAL A 398 -10.30 7.60 -14.25
CA VAL A 398 -10.17 8.63 -13.23
C VAL A 398 -8.68 8.99 -13.14
N GLU A 399 -8.38 10.28 -13.26
CA GLU A 399 -7.01 10.76 -13.24
C GLU A 399 -6.30 10.50 -11.91
N ASN A 400 -7.02 10.72 -10.80
CA ASN A 400 -6.48 10.50 -9.46
C ASN A 400 -7.44 9.62 -8.67
N PRO A 401 -7.34 8.29 -8.84
CA PRO A 401 -8.20 7.35 -8.14
C PRO A 401 -8.10 7.44 -6.62
N VAL A 402 -9.21 7.14 -5.95
CA VAL A 402 -9.29 7.09 -4.49
C VAL A 402 -9.14 8.37 -3.67
N TYR A 403 -8.10 9.16 -3.89
CA TYR A 403 -7.94 10.38 -3.10
C TYR A 403 -7.44 11.57 -3.90
N ALA A 404 -7.79 12.78 -3.44
CA ALA A 404 -7.40 13.98 -4.16
C ALA A 404 -6.67 15.05 -3.35
N ASP A 405 -6.33 14.76 -2.10
CA ASP A 405 -5.64 15.74 -1.25
C ASP A 405 -4.32 15.16 -0.72
N PRO A 406 -3.25 15.16 -1.53
CA PRO A 406 -3.18 15.65 -2.91
C PRO A 406 -3.57 14.54 -3.88
N GLY A 407 -3.51 14.82 -5.18
CA GLY A 407 -3.88 13.81 -6.17
C GLY A 407 -3.08 12.53 -6.04
N SER A 408 -3.78 11.39 -6.04
CA SER A 408 -3.14 10.08 -5.90
C SER A 408 -2.13 9.73 -6.99
N ASN A 409 -2.18 10.41 -8.13
CA ASN A 409 -1.22 10.10 -9.18
C ASN A 409 -0.37 11.29 -9.57
N THR A 410 -0.11 12.19 -8.61
CA THR A 410 0.69 13.37 -8.87
C THR A 410 2.12 13.16 -8.36
N TRP A 411 2.35 12.00 -7.75
N TRP A 411 2.37 12.03 -7.72
CA TRP A 411 3.64 11.64 -7.20
CA TRP A 411 3.70 11.73 -7.21
C TRP A 411 4.32 10.59 -8.09
C TRP A 411 4.34 10.61 -8.03
N PHE A 412 5.56 10.86 -8.46
CA PHE A 412 6.33 9.94 -9.30
C PHE A 412 6.49 8.53 -8.72
N GLY A 413 6.54 8.43 -7.39
CA GLY A 413 6.71 7.15 -6.74
C GLY A 413 5.84 6.00 -7.24
N MET A 414 4.58 6.27 -7.55
CA MET A 414 3.68 5.22 -8.03
C MET A 414 4.22 4.56 -9.30
N GLN A 415 4.88 5.35 -10.14
CA GLN A 415 5.44 4.85 -11.39
C GLN A 415 6.46 3.73 -11.17
N VAL A 416 7.44 3.98 -10.29
CA VAL A 416 8.49 3.00 -10.04
C VAL A 416 8.09 1.78 -9.23
N TRP A 417 7.32 2.01 -8.17
N TRP A 417 7.32 2.00 -8.16
CA TRP A 417 6.86 0.91 -7.32
CA TRP A 417 6.88 0.87 -7.34
C TRP A 417 6.12 -0.13 -8.17
C TRP A 417 6.15 -0.15 -8.21
N SER A 418 5.20 0.34 -9.01
CA SER A 418 4.43 -0.54 -9.87
C SER A 418 5.18 -1.10 -11.08
N MET A 419 5.91 -0.26 -11.81
CA MET A 419 6.64 -0.75 -12.97
C MET A 419 7.77 -1.70 -12.58
N GLN A 420 8.23 -1.62 -11.33
CA GLN A 420 9.29 -2.50 -10.85
C GLN A 420 8.80 -3.96 -10.93
N ARG A 421 7.51 -4.15 -10.67
CA ARG A 421 6.91 -5.48 -10.70
C ARG A 421 6.77 -6.00 -12.12
N VAL A 422 6.50 -5.09 -13.05
CA VAL A 422 6.39 -5.46 -14.47
C VAL A 422 7.78 -5.87 -14.96
N ALA A 423 8.81 -5.20 -14.45
CA ALA A 423 10.18 -5.52 -14.84
C ALA A 423 10.59 -6.90 -14.33
N GLU A 424 10.13 -7.26 -13.14
CA GLU A 424 10.46 -8.58 -12.61
C GLU A 424 9.77 -9.65 -13.46
N LEU A 425 8.55 -9.36 -13.91
CA LEU A 425 7.80 -10.32 -14.73
C LEU A 425 8.50 -10.51 -16.07
N TYR A 426 8.85 -9.39 -16.71
CA TYR A 426 9.52 -9.41 -18.00
C TYR A 426 10.82 -10.20 -17.91
N TYR A 427 11.57 -9.97 -16.83
CA TYR A 427 12.83 -10.66 -16.62
C TYR A 427 12.67 -12.18 -16.49
N LYS A 428 11.69 -12.61 -15.70
CA LYS A 428 11.46 -14.02 -15.49
C LYS A 428 10.81 -14.78 -16.65
N THR A 429 9.91 -14.11 -17.37
CA THR A 429 9.20 -14.78 -18.45
C THR A 429 9.40 -14.25 -19.86
N GLY A 430 9.94 -13.04 -19.98
CA GLY A 430 10.13 -12.47 -21.30
C GLY A 430 8.80 -12.11 -21.95
N ASP A 431 7.73 -12.05 -21.16
CA ASP A 431 6.40 -11.72 -21.66
C ASP A 431 6.37 -10.48 -22.56
N ALA A 432 5.85 -10.65 -23.78
CA ALA A 432 5.77 -9.57 -24.77
C ALA A 432 5.00 -8.34 -24.34
N ARG A 433 3.94 -8.56 -23.56
CA ARG A 433 3.13 -7.44 -23.09
C ARG A 433 3.95 -6.56 -22.16
N ALA A 434 4.72 -7.20 -21.28
CA ALA A 434 5.56 -6.47 -20.34
C ALA A 434 6.66 -5.72 -21.08
N LYS A 435 7.19 -6.34 -22.14
CA LYS A 435 8.25 -5.72 -22.94
C LYS A 435 7.78 -4.43 -23.57
N LYS A 436 6.65 -4.49 -24.27
CA LYS A 436 6.10 -3.30 -24.93
C LYS A 436 5.93 -2.17 -23.93
N LEU A 437 5.38 -2.49 -22.76
CA LEU A 437 5.17 -1.48 -21.73
C LEU A 437 6.47 -0.85 -21.25
N LEU A 438 7.45 -1.69 -20.93
CA LEU A 438 8.74 -1.23 -20.43
C LEU A 438 9.60 -0.48 -21.44
N ASP A 439 9.59 -0.90 -22.69
CA ASP A 439 10.40 -0.22 -23.70
C ASP A 439 10.04 1.26 -23.79
N LYS A 440 8.75 1.56 -23.81
CA LYS A 440 8.28 2.93 -23.90
C LYS A 440 8.42 3.70 -22.58
N TRP A 441 8.12 3.05 -21.47
CA TRP A 441 8.22 3.69 -20.15
C TRP A 441 9.68 4.00 -19.84
N ALA A 442 10.56 3.03 -20.06
CA ALA A 442 11.97 3.21 -19.79
C ALA A 442 12.57 4.32 -20.65
N LYS A 443 12.11 4.44 -21.89
CA LYS A 443 12.64 5.48 -22.76
C LYS A 443 12.24 6.85 -22.20
N TRP A 444 11.03 6.94 -21.67
CA TRP A 444 10.55 8.18 -21.10
C TRP A 444 11.34 8.61 -19.87
N ILE A 445 11.47 7.71 -18.89
CA ILE A 445 12.18 8.04 -17.66
C ILE A 445 13.69 8.24 -17.81
N ASN A 446 14.33 7.51 -18.71
CA ASN A 446 15.76 7.69 -18.91
C ASN A 446 16.07 9.09 -19.40
N GLY A 447 15.09 9.72 -20.04
CA GLY A 447 15.28 11.08 -20.51
C GLY A 447 14.93 12.11 -19.45
N GLU A 448 14.44 11.65 -18.31
CA GLU A 448 14.08 12.56 -17.22
C GLU A 448 15.01 12.49 -16.02
N ILE A 449 16.09 11.72 -16.13
CA ILE A 449 17.04 11.62 -15.04
C ILE A 449 18.16 12.63 -15.25
N LYS A 450 18.40 13.48 -14.25
CA LYS A 450 19.44 14.50 -14.36
C LYS A 450 20.57 14.32 -13.35
N PHE A 451 21.80 14.18 -13.85
CA PHE A 451 22.98 14.01 -13.01
C PHE A 451 23.78 15.32 -12.98
N ASN A 452 24.11 15.78 -11.77
CA ASN A 452 24.87 17.02 -11.62
C ASN A 452 26.36 16.79 -11.49
N ALA A 453 27.14 17.85 -11.76
CA ALA A 453 28.59 17.81 -11.70
C ALA A 453 29.16 17.51 -10.32
N ASP A 454 28.39 17.83 -9.27
CA ASP A 454 28.85 17.59 -7.91
C ASP A 454 28.47 16.21 -7.38
N GLY A 455 28.00 15.35 -8.29
CA GLY A 455 27.64 14.00 -7.88
C GLY A 455 26.19 13.82 -7.43
N THR A 456 25.45 14.91 -7.33
CA THR A 456 24.06 14.82 -6.91
C THR A 456 23.21 14.57 -8.15
N PHE A 457 21.92 14.31 -7.96
CA PHE A 457 21.04 14.04 -9.09
C PHE A 457 19.60 14.46 -8.82
N GLN A 458 18.78 14.41 -9.86
CA GLN A 458 17.37 14.76 -9.74
C GLN A 458 16.53 13.89 -10.66
N ILE A 459 15.34 13.57 -10.19
CA ILE A 459 14.38 12.77 -10.95
C ILE A 459 13.01 13.40 -10.77
N PRO A 460 12.04 13.03 -11.61
CA PRO A 460 10.71 13.62 -11.48
C PRO A 460 10.17 13.41 -10.06
N SER A 461 9.45 14.39 -9.56
CA SER A 461 8.88 14.31 -8.23
C SER A 461 7.37 14.47 -8.33
N THR A 462 6.93 15.68 -8.69
CA THR A 462 5.52 15.98 -8.83
C THR A 462 5.18 15.96 -10.32
N ILE A 463 4.12 15.26 -10.69
CA ILE A 463 3.71 15.19 -12.09
C ILE A 463 2.24 15.56 -12.22
N ASP A 464 1.83 15.92 -13.44
CA ASP A 464 0.46 16.29 -13.67
C ASP A 464 -0.03 15.60 -14.94
N TRP A 465 -1.34 15.60 -15.16
CA TRP A 465 -1.90 14.93 -16.32
C TRP A 465 -2.92 15.74 -17.09
N GLU A 466 -3.02 15.48 -18.39
CA GLU A 466 -3.97 16.15 -19.25
C GLU A 466 -4.58 15.15 -20.23
N GLY A 467 -5.89 15.27 -20.43
CA GLY A 467 -6.57 14.37 -21.34
C GLY A 467 -6.95 13.05 -20.69
N GLN A 468 -7.22 12.05 -21.53
CA GLN A 468 -7.59 10.74 -21.04
C GLN A 468 -7.23 9.69 -22.08
N PRO A 469 -7.10 8.43 -21.67
CA PRO A 469 -6.76 7.39 -22.65
C PRO A 469 -7.98 7.09 -23.53
N ASP A 470 -7.75 6.44 -24.66
CA ASP A 470 -8.88 6.11 -25.54
C ASP A 470 -9.59 4.90 -24.91
N THR A 471 -10.90 4.80 -25.13
CA THR A 471 -11.65 3.69 -24.56
C THR A 471 -10.96 2.39 -24.97
N TRP A 472 -10.82 1.48 -24.01
CA TRP A 472 -10.16 0.21 -24.26
C TRP A 472 -10.99 -0.78 -25.07
N ASN A 473 -10.39 -1.28 -26.14
CA ASN A 473 -11.02 -2.28 -27.01
C ASN A 473 -10.05 -3.46 -27.00
N PRO A 474 -10.35 -4.48 -26.17
CA PRO A 474 -9.53 -5.69 -26.03
C PRO A 474 -8.96 -6.25 -27.33
N THR A 475 -9.74 -6.23 -28.40
CA THR A 475 -9.27 -6.75 -29.67
C THR A 475 -8.45 -5.74 -30.46
N GLN A 476 -8.64 -4.45 -30.15
CA GLN A 476 -7.90 -3.40 -30.83
C GLN A 476 -6.55 -3.21 -30.16
N GLY A 477 -6.55 -3.17 -28.84
CA GLY A 477 -5.30 -3.00 -28.10
C GLY A 477 -4.87 -1.55 -27.96
N TYR A 478 -3.58 -1.35 -27.69
CA TYR A 478 -3.03 -0.02 -27.51
C TYR A 478 -3.15 0.87 -28.74
N THR A 479 -3.76 2.03 -28.56
CA THR A 479 -3.95 2.98 -29.66
C THR A 479 -2.79 3.98 -29.67
N GLY A 480 -2.11 4.09 -28.53
CA GLY A 480 -1.01 5.03 -28.42
C GLY A 480 -1.42 6.21 -27.55
N ASN A 481 -2.72 6.32 -27.31
CA ASN A 481 -3.28 7.40 -26.50
C ASN A 481 -2.62 8.74 -26.75
N ALA A 482 -2.74 9.24 -27.98
CA ALA A 482 -2.15 10.50 -28.37
C ALA A 482 -2.69 11.70 -27.59
N ASN A 483 -3.86 11.52 -26.97
CA ASN A 483 -4.47 12.62 -26.22
C ASN A 483 -4.27 12.53 -24.71
N LEU A 484 -3.41 11.60 -24.28
CA LEU A 484 -3.10 11.43 -22.87
C LEU A 484 -1.65 11.84 -22.66
N HIS A 485 -1.42 12.91 -21.90
CA HIS A 485 -0.08 13.41 -21.67
C HIS A 485 0.29 13.59 -20.21
N VAL A 486 1.53 13.26 -19.87
CA VAL A 486 2.04 13.44 -18.52
C VAL A 486 2.88 14.70 -18.56
N LYS A 487 2.97 15.40 -17.43
CA LYS A 487 3.76 16.63 -17.36
C LYS A 487 4.56 16.60 -16.06
N VAL A 488 5.87 16.78 -16.17
CA VAL A 488 6.72 16.80 -14.98
C VAL A 488 6.66 18.22 -14.45
N VAL A 489 6.06 18.39 -13.28
CA VAL A 489 5.94 19.71 -12.66
C VAL A 489 7.24 20.16 -12.02
N ASN A 490 7.90 19.25 -11.31
CA ASN A 490 9.17 19.57 -10.66
C ASN A 490 9.99 18.32 -10.35
N TYR A 491 11.27 18.52 -10.08
CA TYR A 491 12.18 17.42 -9.79
C TYR A 491 12.65 17.44 -8.34
N GLY A 492 13.19 16.31 -7.90
CA GLY A 492 13.68 16.21 -6.54
C GLY A 492 14.65 15.06 -6.41
N THR A 493 15.08 14.80 -5.19
CA THR A 493 16.03 13.72 -4.93
C THR A 493 15.48 12.76 -3.88
N ASP A 494 14.32 12.19 -4.15
CA ASP A 494 13.73 11.24 -3.23
C ASP A 494 14.52 9.95 -3.34
N LEU A 495 15.25 9.62 -2.28
CA LEU A 495 16.09 8.42 -2.26
C LEU A 495 15.32 7.11 -2.37
N GLY A 496 14.10 7.08 -1.84
CA GLY A 496 13.31 5.87 -1.94
C GLY A 496 12.88 5.63 -3.38
N CYS A 497 12.37 6.67 -4.02
CA CYS A 497 11.94 6.57 -5.42
C CYS A 497 13.13 6.27 -6.34
N ALA A 498 14.27 6.91 -6.05
CA ALA A 498 15.47 6.70 -6.86
C ALA A 498 15.90 5.24 -6.76
N SER A 499 15.80 4.66 -5.58
CA SER A 499 16.18 3.27 -5.37
C SER A 499 15.24 2.34 -6.13
N SER A 500 13.94 2.61 -6.05
CA SER A 500 12.96 1.80 -6.75
C SER A 500 13.21 1.92 -8.26
N LEU A 501 13.55 3.13 -8.71
CA LEU A 501 13.83 3.36 -10.13
C LEU A 501 15.03 2.53 -10.57
N ALA A 502 16.10 2.53 -9.78
CA ALA A 502 17.31 1.78 -10.10
C ALA A 502 16.97 0.30 -10.22
N ASN A 503 16.17 -0.20 -9.28
CA ASN A 503 15.74 -1.60 -9.27
C ASN A 503 15.04 -1.92 -10.60
N THR A 504 14.04 -1.12 -10.93
CA THR A 504 13.27 -1.30 -12.16
C THR A 504 14.17 -1.32 -13.40
N LEU A 505 15.06 -0.34 -13.51
CA LEU A 505 15.96 -0.26 -14.66
C LEU A 505 16.93 -1.43 -14.72
N THR A 506 17.31 -1.96 -13.56
CA THR A 506 18.24 -3.08 -13.51
C THR A 506 17.61 -4.36 -14.08
N TYR A 507 16.41 -4.67 -13.64
CA TYR A 507 15.72 -5.87 -14.14
C TYR A 507 15.45 -5.73 -15.64
N TYR A 508 15.02 -4.55 -16.06
CA TYR A 508 14.73 -4.30 -17.46
C TYR A 508 16.00 -4.43 -18.31
N ALA A 509 17.07 -3.79 -17.88
CA ALA A 509 18.34 -3.82 -18.61
C ALA A 509 18.88 -5.23 -18.72
N ALA A 510 18.79 -5.99 -17.62
CA ALA A 510 19.29 -7.35 -17.60
C ALA A 510 18.63 -8.23 -18.67
N LYS A 511 17.35 -8.02 -18.90
CA LYS A 511 16.61 -8.81 -19.88
C LYS A 511 16.67 -8.24 -21.29
N SER A 512 16.50 -6.94 -21.43
CA SER A 512 16.51 -6.30 -22.74
C SER A 512 17.90 -6.00 -23.30
N GLY A 513 18.88 -5.84 -22.41
CA GLY A 513 20.23 -5.55 -22.85
C GLY A 513 20.43 -4.06 -23.09
N ASP A 514 19.47 -3.25 -22.66
CA ASP A 514 19.54 -1.80 -22.85
C ASP A 514 20.63 -1.21 -21.96
N GLU A 515 21.72 -0.76 -22.59
CA GLU A 515 22.84 -0.18 -21.85
C GLU A 515 22.50 1.13 -21.15
N THR A 516 21.67 1.94 -21.79
CA THR A 516 21.28 3.22 -21.21
C THR A 516 20.63 3.02 -19.84
N SER A 517 19.75 2.02 -19.75
CA SER A 517 19.08 1.73 -18.48
C SER A 517 20.05 1.19 -17.45
N ARG A 518 20.96 0.33 -17.88
CA ARG A 518 21.94 -0.26 -16.97
C ARG A 518 22.87 0.78 -16.35
N GLN A 519 23.45 1.64 -17.16
CA GLN A 519 24.37 2.63 -16.61
C GLN A 519 23.65 3.68 -15.75
N ASN A 520 22.41 4.01 -16.09
CA ASN A 520 21.68 4.98 -15.29
C ASN A 520 21.36 4.36 -13.93
N ALA A 521 21.01 3.07 -13.94
CA ALA A 521 20.71 2.38 -12.69
C ALA A 521 21.95 2.37 -11.81
N GLN A 522 23.12 2.13 -12.41
CA GLN A 522 24.36 2.08 -11.63
C GLN A 522 24.78 3.46 -11.12
N LYS A 523 24.58 4.50 -11.94
CA LYS A 523 24.94 5.84 -11.53
C LYS A 523 24.08 6.31 -10.36
N LEU A 524 22.82 5.87 -10.34
CA LEU A 524 21.92 6.23 -9.25
C LEU A 524 22.40 5.56 -7.97
N LEU A 525 22.69 4.26 -8.06
CA LEU A 525 23.16 3.52 -6.90
C LEU A 525 24.48 4.09 -6.37
N ASP A 526 25.40 4.42 -7.27
CA ASP A 526 26.69 4.96 -6.87
C ASP A 526 26.54 6.36 -6.26
N ALA A 527 25.75 7.21 -6.91
CA ALA A 527 25.53 8.57 -6.42
C ALA A 527 24.96 8.56 -5.01
N MET A 528 23.99 7.70 -4.76
CA MET A 528 23.38 7.62 -3.44
C MET A 528 24.37 7.10 -2.39
N TRP A 529 25.14 6.09 -2.76
CA TRP A 529 26.11 5.52 -1.83
C TRP A 529 27.22 6.52 -1.50
N ASN A 530 27.75 7.18 -2.52
CA ASN A 530 28.84 8.12 -2.32
C ASN A 530 28.46 9.50 -1.77
N ASN A 531 27.25 9.97 -2.06
CA ASN A 531 26.86 11.30 -1.61
C ASN A 531 25.78 11.43 -0.56
N TYR A 532 25.07 10.34 -0.25
CA TYR A 532 24.00 10.45 0.73
C TYR A 532 24.06 9.46 1.89
N SER A 533 25.18 8.77 2.04
CA SER A 533 25.34 7.82 3.13
C SER A 533 25.54 8.50 4.47
N ASP A 534 24.99 7.91 5.52
CA ASP A 534 25.18 8.41 6.89
C ASP A 534 25.24 7.18 7.79
N SER A 535 25.43 7.39 9.09
CA SER A 535 25.53 6.26 10.01
C SER A 535 24.31 5.36 10.12
N LYS A 536 23.14 5.84 9.70
CA LYS A 536 21.93 5.05 9.79
C LYS A 536 21.41 4.51 8.45
N GLY A 537 22.15 4.79 7.38
CA GLY A 537 21.76 4.33 6.06
C GLY A 537 22.03 5.44 5.07
N ILE A 538 20.97 5.97 4.47
CA ILE A 538 21.12 7.07 3.53
C ILE A 538 20.04 8.10 3.84
N SER A 539 20.31 9.36 3.53
CA SER A 539 19.33 10.39 3.78
C SER A 539 19.75 11.69 3.11
N THR A 540 18.83 12.63 3.11
CA THR A 540 19.07 13.93 2.53
C THR A 540 18.10 14.88 3.21
N VAL A 541 18.37 16.18 3.15
CA VAL A 541 17.48 17.15 3.76
C VAL A 541 16.35 17.43 2.79
N GLU A 542 15.11 17.39 3.28
CA GLU A 542 13.97 17.66 2.43
C GLU A 542 13.02 18.65 3.08
N GLN A 543 12.34 19.44 2.26
CA GLN A 543 11.40 20.41 2.78
C GLN A 543 10.05 19.72 3.01
N ARG A 544 9.41 20.08 4.12
CA ARG A 544 8.12 19.51 4.50
C ARG A 544 7.08 20.62 4.30
N GLY A 545 6.74 20.88 3.04
CA GLY A 545 5.81 21.94 2.70
C GLY A 545 4.39 21.89 3.26
N ASP A 546 3.92 20.70 3.66
CA ASP A 546 2.57 20.60 4.20
C ASP A 546 2.52 20.68 5.72
N TYR A 547 3.66 20.80 6.37
CA TYR A 547 3.68 20.84 7.82
C TYR A 547 2.92 22.00 8.47
N HIS A 548 2.59 23.03 7.70
CA HIS A 548 1.83 24.13 8.26
C HIS A 548 0.46 23.61 8.71
N ARG A 549 0.03 22.50 8.12
CA ARG A 549 -1.26 21.91 8.45
C ARG A 549 -1.32 21.37 9.88
N PHE A 550 -0.16 21.20 10.50
CA PHE A 550 -0.08 20.75 11.88
C PHE A 550 -0.93 21.69 12.73
N LEU A 551 -0.74 22.99 12.48
CA LEU A 551 -1.43 24.03 13.24
C LEU A 551 -2.66 24.67 12.59
N ASP A 552 -2.74 24.69 11.26
CA ASP A 552 -3.88 25.35 10.64
C ASP A 552 -4.97 24.47 10.02
N GLN A 553 -4.80 23.16 10.04
CA GLN A 553 -5.81 22.29 9.47
C GLN A 553 -6.93 21.98 10.46
N GLU A 554 -8.13 22.45 10.15
CA GLU A 554 -9.25 22.17 11.02
C GLU A 554 -9.71 20.75 10.75
N VAL A 555 -10.16 20.06 11.79
CA VAL A 555 -10.65 18.70 11.65
C VAL A 555 -12.18 18.77 11.81
N PHE A 556 -12.90 18.19 10.86
CA PHE A 556 -14.36 18.22 10.93
C PHE A 556 -14.91 17.27 11.97
N VAL A 557 -15.84 17.77 12.77
CA VAL A 557 -16.51 16.97 13.80
C VAL A 557 -17.99 17.32 13.66
N PRO A 558 -18.87 16.30 13.57
CA PRO A 558 -20.32 16.50 13.41
C PRO A 558 -20.90 17.42 14.48
N ALA A 559 -21.95 18.15 14.13
CA ALA A 559 -22.60 19.06 15.06
C ALA A 559 -23.13 18.31 16.28
N GLY A 560 -22.82 18.84 17.46
CA GLY A 560 -23.29 18.21 18.68
C GLY A 560 -22.49 17.00 19.14
N TRP A 561 -21.48 16.62 18.37
CA TRP A 561 -20.68 15.45 18.72
C TRP A 561 -19.49 15.87 19.59
N THR A 562 -19.32 15.22 20.73
CA THR A 562 -18.19 15.51 21.62
C THR A 562 -17.63 14.20 22.14
N GLY A 563 -16.32 14.16 22.32
CA GLY A 563 -15.68 12.96 22.82
C GLY A 563 -14.28 13.26 23.29
N LYS A 564 -13.55 12.23 23.71
CA LYS A 564 -12.20 12.42 24.18
C LYS A 564 -11.26 11.32 23.70
N MET A 565 -10.03 11.70 23.40
CA MET A 565 -9.03 10.73 22.99
C MET A 565 -8.56 10.11 24.31
N PRO A 566 -7.87 8.96 24.25
CA PRO A 566 -7.40 8.30 25.47
C PRO A 566 -6.62 9.20 26.44
N ASN A 567 -5.82 10.12 25.93
CA ASN A 567 -5.02 11.01 26.78
C ASN A 567 -5.80 12.22 27.29
N GLY A 568 -7.10 12.27 27.00
CA GLY A 568 -7.92 13.37 27.46
C GLY A 568 -8.22 14.46 26.45
N ASP A 569 -7.52 14.49 25.31
CA ASP A 569 -7.77 15.53 24.31
C ASP A 569 -9.24 15.54 23.93
N VAL A 570 -9.85 16.72 23.97
CA VAL A 570 -11.26 16.83 23.63
C VAL A 570 -11.50 16.91 22.13
N ILE A 571 -12.44 16.11 21.64
CA ILE A 571 -12.80 16.10 20.23
C ILE A 571 -14.13 16.81 20.07
N LYS A 572 -14.08 17.97 19.42
CA LYS A 572 -15.28 18.76 19.19
C LYS A 572 -15.04 19.68 18.00
N SER A 573 -16.12 20.21 17.45
CA SER A 573 -16.03 21.11 16.30
C SER A 573 -15.05 22.24 16.59
N GLY A 574 -14.16 22.51 15.64
CA GLY A 574 -13.20 23.58 15.82
C GLY A 574 -11.77 23.15 16.08
N VAL A 575 -11.56 21.91 16.51
CA VAL A 575 -10.20 21.44 16.77
C VAL A 575 -9.33 21.40 15.53
N LYS A 576 -8.02 21.51 15.75
CA LYS A 576 -7.05 21.45 14.66
C LYS A 576 -6.35 20.10 14.78
N PHE A 577 -5.54 19.76 13.79
CA PHE A 577 -4.80 18.51 13.78
C PHE A 577 -4.08 18.27 15.12
N ILE A 578 -3.35 19.28 15.58
CA ILE A 578 -2.59 19.18 16.81
C ILE A 578 -3.42 19.05 18.09
N ASP A 579 -4.65 19.56 18.06
CA ASP A 579 -5.51 19.52 19.25
C ASP A 579 -5.94 18.13 19.70
N ILE A 580 -5.94 17.16 18.80
CA ILE A 580 -6.32 15.81 19.19
C ILE A 580 -5.11 14.87 19.21
N ARG A 581 -3.92 15.46 19.19
CA ARG A 581 -2.66 14.72 19.22
C ARG A 581 -1.67 15.57 20.03
N SER A 582 -2.11 16.06 21.19
CA SER A 582 -1.27 16.93 22.00
C SER A 582 0.07 16.34 22.45
N LYS A 583 0.18 15.01 22.46
CA LYS A 583 1.43 14.38 22.84
C LYS A 583 2.57 14.76 21.88
N TYR A 584 2.21 15.20 20.69
CA TYR A 584 3.21 15.60 19.69
C TYR A 584 4.09 16.73 20.21
N LYS A 585 3.53 17.56 21.08
CA LYS A 585 4.28 18.69 21.62
C LYS A 585 5.47 18.26 22.48
N GLN A 586 5.52 16.98 22.85
CA GLN A 586 6.61 16.46 23.66
C GLN A 586 7.72 15.88 22.78
N ASP A 587 7.48 15.84 21.47
CA ASP A 587 8.46 15.31 20.53
C ASP A 587 9.71 16.18 20.51
N PRO A 588 10.90 15.55 20.48
CA PRO A 588 12.18 16.27 20.46
C PRO A 588 12.28 17.30 19.33
N GLU A 589 11.65 17.02 18.19
CA GLU A 589 11.69 17.92 17.05
C GLU A 589 10.59 18.98 17.01
N TRP A 590 9.64 18.89 17.94
CA TRP A 590 8.53 19.83 17.95
C TRP A 590 8.91 21.32 17.94
N GLN A 591 9.68 21.75 18.92
CA GLN A 591 10.08 23.15 19.01
C GLN A 591 10.77 23.64 17.75
N THR A 592 11.60 22.79 17.15
CA THR A 592 12.30 23.19 15.93
C THR A 592 11.32 23.43 14.79
N MET A 593 10.35 22.54 14.65
N MET A 593 10.35 22.55 14.62
CA MET A 593 9.35 22.63 13.59
CA MET A 593 9.37 22.71 13.55
C MET A 593 8.48 23.88 13.74
C MET A 593 8.53 23.96 13.75
N VAL A 594 7.99 24.12 14.96
CA VAL A 594 7.16 25.28 15.24
C VAL A 594 7.94 26.58 15.06
N ALA A 595 9.21 26.58 15.46
CA ALA A 595 10.05 27.76 15.31
C ALA A 595 10.09 28.15 13.83
N ALA A 596 10.31 27.17 12.96
CA ALA A 596 10.37 27.42 11.53
C ALA A 596 9.07 28.00 10.97
N LEU A 597 7.94 27.47 11.41
CA LEU A 597 6.64 27.96 10.95
C LEU A 597 6.40 29.40 11.38
N GLN A 598 6.77 29.70 12.62
CA GLN A 598 6.59 31.04 13.16
C GLN A 598 7.40 32.07 12.39
N ALA A 599 8.57 31.68 11.91
CA ALA A 599 9.43 32.58 11.16
C ALA A 599 9.02 32.66 9.68
N GLY A 600 7.91 32.02 9.34
CA GLY A 600 7.44 32.02 7.97
C GLY A 600 8.32 31.19 7.04
N GLN A 601 8.92 30.14 7.59
CA GLN A 601 9.79 29.27 6.79
C GLN A 601 9.21 27.87 6.65
N VAL A 602 9.69 27.16 5.63
CA VAL A 602 9.25 25.80 5.38
C VAL A 602 10.13 24.89 6.22
N PRO A 603 9.53 24.04 7.06
CA PRO A 603 10.34 23.15 7.89
C PRO A 603 11.10 22.16 7.03
N THR A 604 12.27 21.74 7.49
CA THR A 604 13.06 20.77 6.76
C THR A 604 13.35 19.63 7.71
N GLN A 605 13.51 18.43 7.16
CA GLN A 605 13.81 17.24 7.95
C GLN A 605 14.76 16.33 7.21
N ARG A 606 15.42 15.47 7.97
CA ARG A 606 16.35 14.48 7.42
C ARG A 606 15.74 13.19 7.92
N LEU A 607 14.95 12.55 7.06
CA LEU A 607 14.23 11.34 7.43
C LEU A 607 14.80 10.00 6.99
N HIS A 608 14.65 9.00 7.86
CA HIS A 608 15.10 7.65 7.57
C HIS A 608 13.86 6.75 7.55
N ARG A 609 13.21 6.71 6.40
CA ARG A 609 12.00 5.89 6.21
C ARG A 609 12.44 4.44 6.03
N PHE A 610 11.83 3.54 6.80
CA PHE A 610 12.18 2.12 6.71
C PHE A 610 12.09 1.56 5.30
N TRP A 611 10.98 1.82 4.61
CA TRP A 611 10.83 1.29 3.26
C TRP A 611 11.88 1.83 2.31
N ALA A 612 12.25 3.10 2.47
CA ALA A 612 13.28 3.72 1.61
C ALA A 612 14.65 3.09 1.80
N GLN A 613 15.02 2.84 3.06
CA GLN A 613 16.30 2.23 3.37
C GLN A 613 16.34 0.81 2.81
N SER A 614 15.25 0.08 2.99
N SER A 614 15.24 0.08 2.98
CA SER A 614 15.16 -1.30 2.49
CA SER A 614 15.12 -1.28 2.50
C SER A 614 15.18 -1.30 0.97
C SER A 614 15.16 -1.30 0.97
N GLU A 615 14.50 -0.33 0.36
CA GLU A 615 14.46 -0.22 -1.09
C GLU A 615 15.88 -0.09 -1.62
N PHE A 616 16.65 0.82 -1.01
CA PHE A 616 18.02 1.05 -1.42
C PHE A 616 18.86 -0.20 -1.24
N ALA A 617 18.68 -0.87 -0.11
CA ALA A 617 19.43 -2.09 0.17
C ALA A 617 19.12 -3.14 -0.90
N VAL A 618 17.84 -3.40 -1.13
CA VAL A 618 17.43 -4.38 -2.12
C VAL A 618 17.91 -4.04 -3.53
N ALA A 619 17.88 -2.76 -3.90
CA ALA A 619 18.33 -2.34 -5.22
C ALA A 619 19.82 -2.69 -5.42
N ASN A 620 20.61 -2.55 -4.37
CA ASN A 620 22.03 -2.89 -4.45
C ASN A 620 22.16 -4.40 -4.66
N GLY A 621 21.37 -5.17 -3.92
CA GLY A 621 21.41 -6.62 -4.06
C GLY A 621 21.03 -7.09 -5.46
N VAL A 622 19.96 -6.51 -6.00
CA VAL A 622 19.49 -6.87 -7.33
C VAL A 622 20.55 -6.60 -8.39
N TYR A 623 21.22 -5.46 -8.30
CA TYR A 623 22.25 -5.13 -9.28
C TYR A 623 23.40 -6.13 -9.16
N ALA A 624 23.76 -6.46 -7.92
CA ALA A 624 24.84 -7.40 -7.67
C ALA A 624 24.61 -8.76 -8.32
N ILE A 625 23.36 -9.22 -8.30
CA ILE A 625 23.01 -10.52 -8.86
C ILE A 625 22.85 -10.54 -10.38
N LEU A 626 22.28 -9.49 -10.95
CA LEU A 626 22.05 -9.43 -12.38
C LEU A 626 23.26 -8.96 -13.19
N PHE A 627 24.21 -8.31 -12.52
CA PHE A 627 25.41 -7.81 -13.18
C PHE A 627 26.64 -8.12 -12.34
N PRO A 628 26.96 -9.42 -12.18
CA PRO A 628 28.10 -9.91 -11.41
C PRO A 628 29.47 -9.39 -11.82
N ASP A 629 29.59 -8.95 -13.07
CA ASP A 629 30.87 -8.43 -13.55
C ASP A 629 30.73 -7.01 -14.07
#